data_6G33
#
_entry.id   6G33
#
_cell.length_a   56.181
_cell.length_b   116.191
_cell.length_c   90.980
_cell.angle_alpha   90.00
_cell.angle_beta   98.99
_cell.angle_gamma   90.00
#
_symmetry.space_group_name_H-M   'P 1 21 1'
#
loop_
_entity.id
_entity.type
_entity.pdbx_description
1 polymer 'Dual specificity protein kinase CLK1'
2 polymer 'Dual specificity protein kinase CLK1'
3 non-polymer (2R,3R,4S,5R)-2-(4-AMINO-5-IODO-7H-PYRROLO[2,3-D]PYRIMIDIN-7-YL)-5-(HYDROXYMETHYL)TETRAHYDROFURAN-3,4-DIOL
4 non-polymer 'IODIDE ION'
5 non-polymer 'PHOSPHATE ION'
6 water water
#
loop_
_entity_poly.entity_id
_entity_poly.type
_entity_poly.pdbx_seq_one_letter_code
_entity_poly.pdbx_strand_id
1 'polypeptide(L)'
;SMHLICQSGDVLSARYEIVDTLGEGAFGKVVECIDHKAGGRHVAVKIVKNVDRYCEAARSEIQVLEHLNTTDPNSTFRCV
QMLEWFEHHGHICIVFELLGLSTYDFIKENGFLPFRLDHIRKMAYQICKSVNFLHSNKLTHTDLKPENILFVQSDYTEAY
NPKIKRDERTLINPDIKVVDFGSATYDDEHHSTLV(SEP)(TPO)RHYRAPEVILALGWSQPCDVWSIGCILIEYYLGFT
VFPTHDSKEHLAMMERILGPLPKHMIQKTRKRKYFHHDRLDWDEHSSAGRYVSRACKPLKEFMLSQDVEHERLFDLIQKM
LEYDPAKRITLREALKHPFFDLLKKSI
;
A
2 'polypeptide(L)'
;SMHLICQSGDVLSARYEIVDTLGEGAFGKVVECIDHKAGGRHVAVKIVKNVDRYCEAARSEIQVLEHLNTTDPNSTFRCV
QMLEWFEHHGHICIVFELLGLSTYDFIKENGFLPFRLDHIRKMAYQICKSVNFLHSNKLTHTDLKPENILFVQSDYTEAY
NPKIKRDERTLINPDIKVVDFGSATYDDEHHSTLVSTRHYRAPEVILALGWSQPCDVWSIGCILIEYYLGFTVFPTHDSK
EHLAMMERILGPLPKHMIQKTRKRKYFHHDRLDWDEHSSAGRYVSRACKPLKEFMLSQDVEHERLFDLIQKMLEYDPAKR
ITLREALKHPFFDLLKKSI
;
B,C
#
loop_
_chem_comp.id
_chem_comp.type
_chem_comp.name
_chem_comp.formula
5ID non-polymer (2R,3R,4S,5R)-2-(4-AMINO-5-IODO-7H-PYRROLO[2,3-D]PYRIMIDIN-7-YL)-5-(HYDROXYMETHYL)TETRAHYDROFURAN-3,4-DIOL 'C11 H13 I N4 O4'
IOD non-polymer 'IODIDE ION' 'I -1'
PO4 non-polymer 'PHOSPHATE ION' 'O4 P -3'
#
# COMPACT_ATOMS: atom_id res chain seq x y z
N SER A 1 3.74 24.76 3.11
CA SER A 1 2.66 24.90 2.08
C SER A 1 2.72 23.77 1.01
N MET A 2 1.56 23.25 0.64
CA MET A 2 1.48 22.19 -0.38
C MET A 2 2.13 22.54 -1.73
N HIS A 3 1.90 23.77 -2.18
CA HIS A 3 2.47 24.34 -3.40
C HIS A 3 4.01 24.14 -3.47
N LEU A 4 4.67 24.02 -2.34
CA LEU A 4 6.12 23.79 -2.31
C LEU A 4 6.55 22.36 -2.67
N ILE A 5 5.62 21.41 -2.60
CA ILE A 5 5.97 20.00 -2.75
C ILE A 5 5.13 19.24 -3.80
N CYS A 6 4.26 19.92 -4.52
CA CYS A 6 3.27 19.21 -5.37
C CYS A 6 3.40 19.58 -6.82
N GLN A 7 4.54 20.18 -7.21
CA GLN A 7 4.78 20.64 -8.59
C GLN A 7 5.36 19.58 -9.54
N SER A 8 5.13 19.79 -10.84
CA SER A 8 5.61 18.91 -11.88
C SER A 8 7.09 18.75 -11.80
N GLY A 9 7.59 17.52 -11.85
CA GLY A 9 9.04 17.28 -11.69
C GLY A 9 9.52 16.99 -10.27
N ASP A 10 8.76 17.38 -9.24
CA ASP A 10 9.17 17.03 -7.84
C ASP A 10 9.15 15.52 -7.65
N VAL A 11 10.05 15.04 -6.80
CA VAL A 11 10.11 13.63 -6.44
C VAL A 11 9.61 13.45 -5.01
N LEU A 12 8.65 12.54 -4.80
CA LEU A 12 8.17 12.20 -3.48
C LEU A 12 8.74 10.87 -3.02
N SER A 13 9.14 10.82 -1.75
CA SER A 13 9.63 9.59 -1.10
C SER A 13 10.71 8.90 -1.91
N ALA A 14 11.54 9.70 -2.60
CA ALA A 14 12.66 9.20 -3.41
C ALA A 14 12.24 8.20 -4.50
N ARG A 15 11.04 8.38 -5.04
CA ARG A 15 10.40 7.32 -5.81
C ARG A 15 9.41 7.81 -6.88
N TYR A 16 8.45 8.64 -6.45
CA TYR A 16 7.33 9.08 -7.26
C TYR A 16 7.62 10.46 -7.86
N GLU A 17 7.81 10.52 -9.18
CA GLU A 17 8.00 11.78 -9.85
C GLU A 17 6.66 12.36 -10.33
N ILE A 18 6.35 13.58 -9.92
CA ILE A 18 5.11 14.22 -10.24
C ILE A 18 5.06 14.58 -11.73
N VAL A 19 3.98 14.14 -12.42
CA VAL A 19 3.75 14.50 -13.79
C VAL A 19 2.86 15.74 -13.81
N ASP A 20 1.63 15.60 -13.30
CA ASP A 20 0.69 16.70 -13.26
C ASP A 20 -0.40 16.47 -12.23
N THR A 21 -1.24 17.48 -12.00
CA THR A 21 -2.35 17.40 -11.07
C THR A 21 -3.59 16.78 -11.75
N LEU A 22 -4.16 15.76 -11.12
CA LEU A 22 -5.33 15.06 -11.60
C LEU A 22 -6.58 15.73 -11.07
N GLY A 23 -6.54 16.24 -9.83
CA GLY A 23 -7.67 16.85 -9.24
C GLY A 23 -7.36 17.36 -7.85
N GLU A 24 -8.32 18.07 -7.30
CA GLU A 24 -8.18 18.76 -6.02
C GLU A 24 -9.46 18.61 -5.22
N GLY A 25 -9.32 18.67 -3.90
CA GLY A 25 -10.49 18.63 -2.99
C GLY A 25 -10.15 19.47 -1.78
N ALA A 26 -11.02 19.43 -0.79
CA ALA A 26 -10.80 20.15 0.44
C ALA A 26 -9.51 19.63 1.11
N PHE A 27 -9.25 18.34 0.95
CA PHE A 27 -8.17 17.65 1.58
C PHE A 27 -6.79 18.03 1.07
N GLY A 28 -6.70 18.63 -0.10
CA GLY A 28 -5.40 18.74 -0.79
C GLY A 28 -5.54 18.39 -2.28
N LYS A 29 -4.61 17.63 -2.85
CA LYS A 29 -4.71 17.35 -4.27
C LYS A 29 -4.28 15.96 -4.61
N VAL A 30 -4.62 15.53 -5.82
CA VAL A 30 -4.22 14.26 -6.31
C VAL A 30 -3.41 14.48 -7.57
N VAL A 31 -2.20 13.89 -7.59
CA VAL A 31 -1.25 14.10 -8.68
C VAL A 31 -0.90 12.79 -9.28
N GLU A 32 -0.71 12.79 -10.59
CA GLU A 32 -0.23 11.63 -11.31
C GLU A 32 1.27 11.60 -11.15
N CYS A 33 1.83 10.43 -10.91
CA CYS A 33 3.26 10.28 -10.71
C CYS A 33 3.76 9.09 -11.47
N ILE A 34 5.01 9.18 -11.87
CA ILE A 34 5.77 8.03 -12.36
C ILE A 34 6.46 7.36 -11.17
N ASP A 35 6.17 6.08 -10.93
CA ASP A 35 6.79 5.33 -9.86
C ASP A 35 8.09 4.70 -10.32
N HIS A 36 9.20 5.36 -10.02
CA HIS A 36 10.53 4.90 -10.48
C HIS A 36 10.99 3.61 -9.82
N LYS A 37 10.39 3.18 -8.71
CA LYS A 37 10.71 1.88 -8.12
C LYS A 37 9.78 0.77 -8.56
N ALA A 38 8.70 1.07 -9.32
CA ALA A 38 7.88 -0.01 -9.93
C ALA A 38 7.92 0.08 -11.45
N GLY A 39 9.11 0.25 -12.00
CA GLY A 39 9.30 0.18 -13.44
C GLY A 39 8.77 1.33 -14.25
N GLY A 40 8.47 2.45 -13.61
CA GLY A 40 7.92 3.60 -14.31
C GLY A 40 6.40 3.60 -14.42
N ARG A 41 5.75 2.66 -13.76
CA ARG A 41 4.27 2.64 -13.73
C ARG A 41 3.71 3.98 -13.23
N HIS A 42 2.69 4.50 -13.91
CA HIS A 42 2.05 5.72 -13.44
C HIS A 42 1.03 5.40 -12.33
N VAL A 43 0.98 6.25 -11.31
CA VAL A 43 0.09 6.08 -10.20
C VAL A 43 -0.52 7.43 -9.85
N ALA A 44 -1.51 7.40 -8.99
CA ALA A 44 -2.12 8.61 -8.45
C ALA A 44 -1.65 8.73 -7.02
N VAL A 45 -1.20 9.91 -6.62
CA VAL A 45 -0.84 10.16 -5.27
C VAL A 45 -1.71 11.25 -4.75
N LYS A 46 -2.36 10.95 -3.64
CA LYS A 46 -3.17 11.91 -2.95
C LYS A 46 -2.30 12.54 -1.88
N ILE A 47 -2.04 13.83 -2.03
CA ILE A 47 -1.23 14.61 -1.09
C ILE A 47 -2.18 15.40 -0.21
N VAL A 48 -2.16 15.09 1.08
CA VAL A 48 -3.09 15.62 2.05
C VAL A 48 -2.48 16.83 2.79
N LYS A 49 -3.27 17.86 2.95
CA LYS A 49 -2.87 19.04 3.69
C LYS A 49 -2.37 18.66 5.08
N ASN A 50 -1.40 19.43 5.56
CA ASN A 50 -0.89 19.24 6.89
C ASN A 50 -1.76 20.05 7.86
N VAL A 51 -2.97 19.56 8.06
CA VAL A 51 -4.02 20.22 8.84
C VAL A 51 -4.73 19.10 9.50
N ASP A 52 -4.98 19.25 10.80
CA ASP A 52 -5.44 18.15 11.66
CA ASP A 52 -5.40 18.15 11.66
C ASP A 52 -6.62 17.37 11.11
N ARG A 53 -7.69 18.08 10.78
CA ARG A 53 -8.90 17.43 10.31
C ARG A 53 -8.64 16.54 9.08
N TYR A 54 -7.79 16.99 8.14
CA TYR A 54 -7.50 16.24 6.93
C TYR A 54 -6.53 15.14 7.16
N CYS A 55 -5.52 15.35 8.04
CA CYS A 55 -4.65 14.25 8.48
C CYS A 55 -5.48 13.11 9.12
N GLU A 56 -6.45 13.48 9.95
CA GLU A 56 -7.31 12.50 10.59
C GLU A 56 -8.13 11.72 9.58
N ALA A 57 -8.77 12.42 8.68
CA ALA A 57 -9.55 11.80 7.60
C ALA A 57 -8.69 10.88 6.76
N ALA A 58 -7.44 11.29 6.49
CA ALA A 58 -6.54 10.46 5.69
C ALA A 58 -6.18 9.19 6.38
N ARG A 59 -5.87 9.28 7.69
CA ARG A 59 -5.60 8.07 8.48
CA ARG A 59 -5.60 8.07 8.48
C ARG A 59 -6.82 7.12 8.45
N SER A 60 -8.01 7.70 8.58
CA SER A 60 -9.29 6.90 8.52
C SER A 60 -9.40 6.23 7.15
N GLU A 61 -9.11 7.00 6.09
CA GLU A 61 -9.28 6.47 4.73
C GLU A 61 -8.39 5.28 4.56
N ILE A 62 -7.14 5.40 5.04
CA ILE A 62 -6.15 4.31 4.96
C ILE A 62 -6.72 3.05 5.63
N GLN A 63 -7.24 3.19 6.84
CA GLN A 63 -7.82 2.04 7.55
C GLN A 63 -9.00 1.42 6.78
N VAL A 64 -9.93 2.23 6.31
CA VAL A 64 -11.01 1.73 5.45
C VAL A 64 -10.51 0.98 4.23
N LEU A 65 -9.56 1.56 3.52
CA LEU A 65 -9.04 0.92 2.33
C LEU A 65 -8.30 -0.39 2.60
N GLU A 66 -7.59 -0.47 3.72
CA GLU A 66 -6.87 -1.72 4.06
C GLU A 66 -7.90 -2.85 4.20
N HIS A 67 -8.99 -2.49 4.83
CA HIS A 67 -10.11 -3.40 5.03
C HIS A 67 -10.78 -3.81 3.68
N LEU A 68 -11.22 -2.82 2.90
CA LEU A 68 -11.88 -3.11 1.64
C LEU A 68 -10.98 -3.81 0.64
N ASN A 69 -9.73 -3.37 0.50
CA ASN A 69 -8.80 -3.98 -0.47
C ASN A 69 -8.38 -5.40 -0.03
N THR A 70 -8.35 -5.66 1.27
CA THR A 70 -8.17 -7.04 1.79
C THR A 70 -9.43 -7.93 1.55
N THR A 71 -10.62 -7.42 1.87
CA THR A 71 -11.85 -8.18 1.66
C THR A 71 -12.09 -8.48 0.19
N ASP A 72 -11.70 -7.54 -0.69
CA ASP A 72 -12.00 -7.63 -2.10
C ASP A 72 -10.72 -7.29 -2.89
N PRO A 73 -9.72 -8.19 -2.85
CA PRO A 73 -8.42 -7.94 -3.48
C PRO A 73 -8.47 -7.75 -4.99
N ASN A 74 -9.46 -8.34 -5.67
CA ASN A 74 -9.58 -8.15 -7.12
C ASN A 74 -10.44 -6.99 -7.50
N SER A 75 -10.94 -6.24 -6.52
CA SER A 75 -11.80 -5.09 -6.79
C SER A 75 -13.04 -5.47 -7.62
N THR A 76 -13.62 -6.63 -7.30
CA THR A 76 -14.89 -7.06 -7.87
C THR A 76 -15.97 -6.02 -7.63
N PHE A 77 -15.95 -5.39 -6.47
CA PHE A 77 -16.93 -4.38 -6.10
C PHE A 77 -16.41 -2.92 -6.30
N ARG A 78 -15.32 -2.78 -7.02
CA ARG A 78 -14.97 -1.53 -7.70
C ARG A 78 -14.64 -0.36 -6.79
N CYS A 79 -14.10 -0.67 -5.63
CA CYS A 79 -13.45 0.35 -4.81
C CYS A 79 -12.00 0.52 -5.26
N VAL A 80 -11.54 1.75 -5.32
CA VAL A 80 -10.18 2.02 -5.75
C VAL A 80 -9.15 1.24 -4.91
N GLN A 81 -8.09 0.76 -5.57
CA GLN A 81 -6.96 0.07 -4.88
C GLN A 81 -5.94 1.06 -4.34
N MET A 82 -5.70 1.01 -3.05
CA MET A 82 -4.62 1.77 -2.44
C MET A 82 -3.35 0.92 -2.48
N LEU A 83 -2.29 1.47 -3.02
CA LEU A 83 -1.03 0.73 -3.15
C LEU A 83 -0.14 0.86 -1.93
N GLU A 84 -0.06 2.04 -1.35
CA GLU A 84 0.70 2.28 -0.13
C GLU A 84 0.47 3.71 0.35
N TRP A 85 1.08 4.07 1.47
CA TRP A 85 1.09 5.47 1.89
C TRP A 85 2.45 5.83 2.51
N PHE A 86 2.79 7.12 2.59
CA PHE A 86 4.03 7.60 3.20
C PHE A 86 3.80 9.04 3.60
N GLU A 87 4.79 9.62 4.26
CA GLU A 87 4.80 11.02 4.64
C GLU A 87 5.88 11.73 3.90
N HIS A 88 5.57 12.95 3.53
CA HIS A 88 6.47 13.77 2.80
C HIS A 88 6.39 15.20 3.24
N HIS A 89 7.44 15.66 3.88
CA HIS A 89 7.48 16.98 4.51
C HIS A 89 6.27 17.21 5.36
N GLY A 90 5.94 16.26 6.21
CA GLY A 90 4.76 16.37 7.07
C GLY A 90 3.38 16.17 6.40
N HIS A 91 3.34 15.80 5.10
CA HIS A 91 2.08 15.54 4.42
C HIS A 91 1.88 14.06 4.28
N ILE A 92 0.71 13.58 4.69
CA ILE A 92 0.32 12.23 4.35
C ILE A 92 0.10 12.14 2.84
N CYS A 93 0.69 11.13 2.22
CA CYS A 93 0.51 10.87 0.83
C CYS A 93 0.02 9.45 0.65
N ILE A 94 -1.09 9.27 -0.06
CA ILE A 94 -1.63 7.96 -0.31
C ILE A 94 -1.51 7.67 -1.80
N VAL A 95 -0.94 6.53 -2.13
CA VAL A 95 -0.71 6.09 -3.47
C VAL A 95 -1.87 5.14 -3.89
N PHE A 96 -2.48 5.43 -5.05
CA PHE A 96 -3.58 4.69 -5.59
C PHE A 96 -3.26 4.29 -7.00
N GLU A 97 -3.90 3.22 -7.47
CA GLU A 97 -3.93 2.93 -8.89
C GLU A 97 -4.39 4.15 -9.62
N LEU A 98 -3.80 4.38 -10.78
CA LEU A 98 -4.23 5.48 -11.61
C LEU A 98 -5.52 5.15 -12.38
N LEU A 99 -6.52 6.00 -12.25
CA LEU A 99 -7.79 5.84 -12.93
C LEU A 99 -7.91 6.98 -13.96
N GLY A 100 -9.00 7.02 -14.71
CA GLY A 100 -9.24 8.09 -15.67
C GLY A 100 -9.93 9.26 -15.05
N LEU A 101 -10.54 10.07 -15.89
CA LEU A 101 -11.36 11.21 -15.45
C LEU A 101 -12.49 10.81 -14.48
N SER A 102 -12.82 11.69 -13.55
CA SER A 102 -14.04 11.58 -12.76
C SER A 102 -15.23 11.78 -13.73
N THR A 103 -16.34 11.21 -13.34
CA THR A 103 -17.55 11.36 -14.12
C THR A 103 -17.93 12.83 -14.15
N TYR A 104 -17.66 13.57 -13.08
CA TYR A 104 -17.80 15.03 -13.14
C TYR A 104 -16.94 15.67 -14.27
N ASP A 105 -15.65 15.37 -14.30
CA ASP A 105 -14.78 16.00 -15.25
C ASP A 105 -15.10 15.61 -16.67
N PHE A 106 -15.49 14.35 -16.89
CA PHE A 106 -15.93 13.93 -18.19
C PHE A 106 -17.11 14.78 -18.64
N ILE A 107 -18.12 14.95 -17.79
CA ILE A 107 -19.28 15.78 -18.16
C ILE A 107 -18.84 17.21 -18.49
N LYS A 108 -18.03 17.78 -17.61
CA LYS A 108 -17.52 19.13 -17.77
C LYS A 108 -16.78 19.28 -19.13
N GLU A 109 -15.90 18.36 -19.42
CA GLU A 109 -15.12 18.45 -20.64
C GLU A 109 -15.92 18.14 -21.90
N ASN A 110 -17.09 17.51 -21.75
CA ASN A 110 -17.99 17.29 -22.87
C ASN A 110 -19.05 18.40 -22.97
N GLY A 111 -18.73 19.58 -22.44
CA GLY A 111 -19.62 20.74 -22.53
C GLY A 111 -20.90 20.63 -21.72
N PHE A 112 -20.85 19.89 -20.59
CA PHE A 112 -21.99 19.66 -19.72
C PHE A 112 -23.18 18.93 -20.36
N LEU A 113 -22.85 18.07 -21.29
CA LEU A 113 -23.82 17.18 -21.92
C LEU A 113 -23.99 15.95 -21.03
N PRO A 114 -25.21 15.42 -20.96
CA PRO A 114 -25.43 14.30 -20.07
C PRO A 114 -24.84 13.02 -20.64
N PHE A 115 -24.79 11.97 -19.86
CA PHE A 115 -24.46 10.64 -20.42
C PHE A 115 -25.67 10.03 -21.12
N ARG A 116 -25.39 9.17 -22.09
CA ARG A 116 -26.41 8.44 -22.80
C ARG A 116 -26.98 7.38 -21.84
N LEU A 117 -28.26 7.06 -22.01
CA LEU A 117 -28.98 6.26 -21.05
C LEU A 117 -28.42 4.88 -20.83
N ASP A 118 -27.97 4.22 -21.89
CA ASP A 118 -27.33 2.91 -21.73
C ASP A 118 -26.05 2.97 -20.85
N HIS A 119 -25.29 4.05 -20.97
CA HIS A 119 -24.14 4.23 -20.07
C HIS A 119 -24.57 4.53 -18.64
N ILE A 120 -25.61 5.35 -18.48
CA ILE A 120 -26.13 5.65 -17.18
C ILE A 120 -26.56 4.35 -16.49
N ARG A 121 -27.21 3.45 -17.25
CA ARG A 121 -27.59 2.16 -16.72
C ARG A 121 -26.43 1.35 -16.20
N LYS A 122 -25.40 1.16 -17.02
CA LYS A 122 -24.19 0.45 -16.58
C LYS A 122 -23.52 1.09 -15.39
N MET A 123 -23.38 2.41 -15.43
CA MET A 123 -22.67 3.11 -14.36
C MET A 123 -23.47 3.04 -13.06
N ALA A 124 -24.79 3.26 -13.14
CA ALA A 124 -25.66 3.17 -12.01
C ALA A 124 -25.57 1.80 -11.40
N TYR A 125 -25.58 0.76 -12.22
CA TYR A 125 -25.52 -0.59 -11.70
C TYR A 125 -24.21 -0.77 -10.89
N GLN A 126 -23.10 -0.38 -11.49
CA GLN A 126 -21.81 -0.52 -10.82
C GLN A 126 -21.71 0.29 -9.54
N ILE A 127 -22.26 1.49 -9.53
CA ILE A 127 -22.23 2.34 -8.34
C ILE A 127 -23.02 1.65 -7.25
N CYS A 128 -24.20 1.13 -7.59
CA CYS A 128 -25.06 0.50 -6.61
C CYS A 128 -24.41 -0.71 -6.05
N LYS A 129 -23.80 -1.49 -6.92
CA LYS A 129 -23.11 -2.69 -6.49
C LYS A 129 -21.93 -2.40 -5.59
N SER A 130 -21.18 -1.33 -5.94
CA SER A 130 -19.97 -0.98 -5.19
C SER A 130 -20.34 -0.49 -3.80
N VAL A 131 -21.30 0.42 -3.77
CA VAL A 131 -21.71 1.02 -2.53
C VAL A 131 -22.49 0.00 -1.69
N ASN A 132 -23.24 -0.90 -2.34
CA ASN A 132 -23.87 -1.97 -1.62
C ASN A 132 -22.85 -2.87 -0.89
N PHE A 133 -21.72 -3.12 -1.53
CA PHE A 133 -20.60 -3.80 -0.89
C PHE A 133 -20.15 -3.09 0.39
N LEU A 134 -20.09 -1.78 0.34
CA LEU A 134 -19.76 -1.01 1.53
C LEU A 134 -20.80 -1.20 2.55
N HIS A 135 -22.06 -1.01 2.16
CA HIS A 135 -23.22 -1.28 3.03
C HIS A 135 -23.22 -2.67 3.65
N SER A 136 -22.76 -3.67 2.91
CA SER A 136 -22.61 -5.04 3.46
C SER A 136 -21.52 -5.19 4.47
N ASN A 137 -20.57 -4.29 4.47
CA ASN A 137 -19.46 -4.35 5.39
C ASN A 137 -19.54 -3.27 6.45
N LYS A 138 -20.77 -2.87 6.79
CA LYS A 138 -21.07 -1.95 7.87
C LYS A 138 -20.48 -0.56 7.69
N LEU A 139 -20.43 -0.11 6.43
CA LEU A 139 -19.90 1.19 6.09
C LEU A 139 -20.90 2.02 5.35
N THR A 140 -20.85 3.32 5.63
CA THR A 140 -21.51 4.35 4.88
C THR A 140 -20.44 5.30 4.32
N HIS A 141 -20.49 5.58 3.03
CA HIS A 141 -19.50 6.42 2.37
C HIS A 141 -19.63 7.88 2.81
N THR A 142 -20.87 8.37 2.70
CA THR A 142 -21.31 9.71 3.08
C THR A 142 -20.98 10.84 2.10
N ASP A 143 -20.11 10.60 1.13
CA ASP A 143 -19.58 11.68 0.27
C ASP A 143 -19.58 11.22 -1.18
N LEU A 144 -20.68 10.54 -1.59
CA LEU A 144 -20.82 10.15 -2.94
C LEU A 144 -21.24 11.35 -3.79
N LYS A 145 -20.53 11.49 -4.91
CA LYS A 145 -20.78 12.60 -5.84
C LYS A 145 -20.02 12.30 -7.10
N PRO A 146 -20.36 12.95 -8.21
CA PRO A 146 -19.72 12.59 -9.45
C PRO A 146 -18.18 12.72 -9.48
N GLU A 147 -17.64 13.60 -8.66
CA GLU A 147 -16.18 13.73 -8.52
C GLU A 147 -15.57 12.50 -7.93
N ASN A 148 -16.36 11.70 -7.22
CA ASN A 148 -15.87 10.53 -6.52
C ASN A 148 -16.24 9.23 -7.19
N ILE A 149 -16.76 9.31 -8.42
CA ILE A 149 -16.91 8.19 -9.26
C ILE A 149 -16.02 8.44 -10.47
N LEU A 150 -15.09 7.52 -10.74
CA LEU A 150 -14.06 7.70 -11.78
C LEU A 150 -14.17 6.59 -12.76
N PHE A 151 -13.97 6.92 -14.04
CA PHE A 151 -13.86 5.92 -15.06
C PHE A 151 -12.55 5.23 -14.91
N VAL A 152 -12.57 3.90 -15.10
CA VAL A 152 -11.36 3.14 -15.13
C VAL A 152 -10.52 3.61 -16.31
N GLN A 153 -11.16 3.80 -17.46
CA GLN A 153 -10.54 4.45 -18.64
C GLN A 153 -11.53 5.44 -19.19
N SER A 154 -11.11 6.72 -19.28
CA SER A 154 -12.03 7.74 -19.76
C SER A 154 -11.89 7.99 -21.27
N ASP A 155 -11.24 7.08 -21.98
CA ASP A 155 -11.04 7.30 -23.45
C ASP A 155 -12.41 7.34 -24.16
N TYR A 156 -12.50 8.16 -25.19
CA TYR A 156 -13.74 8.42 -25.89
C TYR A 156 -13.55 8.51 -27.42
N THR A 157 -14.65 8.35 -28.17
CA THR A 157 -14.72 8.70 -29.59
C THR A 157 -15.51 10.01 -29.73
N GLU A 158 -15.28 10.73 -30.83
CA GLU A 158 -15.79 12.10 -31.02
C GLU A 158 -16.41 12.30 -32.39
N ALA A 159 -17.69 12.70 -32.44
CA ALA A 159 -18.41 12.97 -33.69
C ALA A 159 -19.23 14.26 -33.59
N TYR A 160 -19.54 14.86 -34.75
CA TYR A 160 -20.51 15.95 -34.79
C TYR A 160 -21.88 15.35 -34.59
N ASN A 161 -22.67 15.99 -33.75
CA ASN A 161 -24.03 15.54 -33.51
C ASN A 161 -25.02 16.56 -34.10
N PRO A 162 -25.67 16.23 -35.26
CA PRO A 162 -26.63 17.14 -35.90
C PRO A 162 -27.75 17.60 -34.97
N LYS A 163 -28.25 16.69 -34.12
CA LYS A 163 -29.38 16.99 -33.20
C LYS A 163 -29.02 18.08 -32.16
N ILE A 164 -27.80 18.09 -31.64
CA ILE A 164 -27.38 19.11 -30.66
C ILE A 164 -26.52 20.23 -31.29
N LYS A 165 -26.23 20.10 -32.59
CA LYS A 165 -25.41 21.05 -33.34
C LYS A 165 -24.01 21.36 -32.71
N ARG A 166 -23.44 20.39 -31.98
CA ARG A 166 -22.05 20.51 -31.45
C ARG A 166 -21.37 19.12 -31.50
N ASP A 167 -20.02 19.09 -31.48
CA ASP A 167 -19.25 17.83 -31.34
C ASP A 167 -19.50 17.20 -29.98
N GLU A 168 -19.55 15.88 -29.96
CA GLU A 168 -19.90 15.13 -28.78
C GLU A 168 -18.91 14.03 -28.55
N ARG A 169 -18.49 13.87 -27.30
CA ARG A 169 -17.63 12.80 -26.90
C ARG A 169 -18.49 11.65 -26.41
N THR A 170 -18.19 10.46 -26.92
CA THR A 170 -18.80 9.26 -26.44
C THR A 170 -17.73 8.32 -25.84
N LEU A 171 -18.06 7.88 -24.68
CA LEU A 171 -17.21 7.09 -23.88
C LEU A 171 -17.09 5.70 -24.48
N ILE A 172 -15.88 5.18 -24.54
CA ILE A 172 -15.63 3.82 -25.05
C ILE A 172 -15.96 2.75 -24.04
N ASN A 173 -15.43 2.88 -22.83
CA ASN A 173 -15.77 1.95 -21.75
C ASN A 173 -16.31 2.72 -20.53
N PRO A 174 -17.60 2.48 -20.15
CA PRO A 174 -18.14 3.25 -19.06
C PRO A 174 -17.87 2.66 -17.67
N ASP A 175 -17.04 1.62 -17.53
CA ASP A 175 -16.73 1.05 -16.20
C ASP A 175 -16.16 2.10 -15.22
N ILE A 176 -16.57 2.02 -13.96
CA ILE A 176 -16.18 2.99 -12.93
C ILE A 176 -15.61 2.35 -11.70
N LYS A 177 -14.98 3.18 -10.86
CA LYS A 177 -14.68 2.84 -9.49
C LYS A 177 -15.07 3.96 -8.58
N VAL A 178 -15.26 3.63 -7.32
CA VAL A 178 -15.59 4.59 -6.32
C VAL A 178 -14.29 5.00 -5.56
N VAL A 179 -14.12 6.30 -5.28
CA VAL A 179 -12.98 6.78 -4.52
C VAL A 179 -13.42 7.64 -3.35
N ASP A 180 -12.40 8.05 -2.57
CA ASP A 180 -12.51 8.95 -1.47
C ASP A 180 -13.28 8.36 -0.31
N PHE A 181 -12.53 7.65 0.52
CA PHE A 181 -13.01 7.02 1.71
C PHE A 181 -12.61 7.75 2.97
N GLY A 182 -12.37 9.04 2.82
CA GLY A 182 -11.96 9.92 3.94
C GLY A 182 -13.11 10.28 4.91
N SER A 183 -14.36 10.11 4.48
CA SER A 183 -15.51 10.35 5.39
C SER A 183 -16.23 9.08 5.76
N ALA A 184 -15.84 7.93 5.17
CA ALA A 184 -16.56 6.71 5.31
C ALA A 184 -16.58 6.32 6.75
N THR A 185 -17.75 5.88 7.23
CA THR A 185 -17.94 5.71 8.66
C THR A 185 -18.55 4.33 8.94
N TYR A 186 -17.98 3.62 9.89
CA TYR A 186 -18.43 2.31 10.29
C TYR A 186 -19.62 2.44 11.21
N ASP A 187 -20.50 1.44 11.18
CA ASP A 187 -21.73 1.44 11.99
C ASP A 187 -21.42 1.65 13.47
N ASP A 188 -20.32 1.05 13.94
CA ASP A 188 -19.96 1.17 15.38
C ASP A 188 -19.20 2.45 15.77
N GLU A 189 -18.96 3.33 14.81
CA GLU A 189 -18.30 4.59 15.08
C GLU A 189 -19.38 5.58 15.32
N HIS A 190 -19.03 6.69 15.91
CA HIS A 190 -19.98 7.76 16.11
C HIS A 190 -20.35 8.40 14.76
N HIS A 191 -21.65 8.51 14.52
CA HIS A 191 -22.17 9.15 13.32
C HIS A 191 -22.44 10.58 13.74
N SER A 192 -21.48 11.45 13.50
CA SER A 192 -21.63 12.81 13.96
C SER A 192 -22.87 13.43 13.30
N THR A 193 -23.76 14.00 14.11
CA THR A 193 -24.76 14.98 13.63
C THR A 193 -24.14 16.10 12.79
N LEU A 194 -22.95 16.58 13.20
CA LEU A 194 -22.28 17.59 12.42
C LEU A 194 -21.80 16.93 11.14
N VAL A 195 -22.41 17.31 10.01
CA VAL A 195 -21.86 17.00 8.69
C VAL A 195 -21.79 18.27 7.86
N SEP A 196 -20.68 18.47 7.15
CA SEP A 196 -20.51 19.69 6.33
CB SEP A 196 -19.04 19.94 6.15
OG SEP A 196 -18.59 19.04 5.15
C SEP A 196 -21.26 19.70 4.99
O SEP A 196 -21.38 18.66 4.35
P SEP A 196 -17.02 18.63 5.13
O1P SEP A 196 -16.82 18.18 3.68
O2P SEP A 196 -16.39 19.98 5.43
O3P SEP A 196 -16.87 17.56 6.25
N TPO A 197 -21.68 20.90 4.55
CA TPO A 197 -22.69 21.14 3.46
CB TPO A 197 -23.27 22.59 3.64
CG2 TPO A 197 -24.43 22.86 2.67
OG1 TPO A 197 -23.77 22.78 5.01
P TPO A 197 -23.35 23.83 6.20
O1P TPO A 197 -21.84 24.04 6.00
O2P TPO A 197 -23.72 23.12 7.49
O3P TPO A 197 -24.24 25.04 5.95
C TPO A 197 -22.31 20.74 2.00
O TPO A 197 -21.28 21.17 1.47
N ARG A 198 -23.15 19.87 1.37
CA ARG A 198 -23.13 19.51 -0.07
C ARG A 198 -24.51 19.46 -0.80
N HIS A 199 -24.42 19.41 -2.13
CA HIS A 199 -25.56 19.15 -3.00
C HIS A 199 -26.13 17.74 -2.84
N TYR A 200 -25.33 16.82 -2.28
CA TYR A 200 -25.70 15.41 -2.30
C TYR A 200 -26.10 14.96 -0.90
N ARG A 201 -26.31 15.93 0.00
CA ARG A 201 -26.77 15.64 1.39
C ARG A 201 -28.23 15.21 1.47
N ALA A 202 -28.50 14.16 2.19
CA ALA A 202 -29.85 13.67 2.40
C ALA A 202 -30.61 14.55 3.40
N PRO A 203 -31.95 14.53 3.33
CA PRO A 203 -32.72 15.31 4.27
C PRO A 203 -32.49 14.98 5.73
N GLU A 204 -32.30 13.71 6.07
CA GLU A 204 -32.01 13.34 7.47
C GLU A 204 -30.69 13.91 8.00
N VAL A 205 -29.76 14.15 7.09
CA VAL A 205 -28.47 14.79 7.42
C VAL A 205 -28.72 16.27 7.67
N ILE A 206 -29.38 16.93 6.74
CA ILE A 206 -29.62 18.35 6.89
C ILE A 206 -30.40 18.63 8.20
N LEU A 207 -31.35 17.76 8.53
CA LEU A 207 -32.19 17.96 9.69
C LEU A 207 -31.63 17.32 10.95
N ALA A 208 -30.44 16.74 10.84
CA ALA A 208 -29.77 16.18 12.00
C ALA A 208 -30.64 15.18 12.73
N LEU A 209 -31.20 14.25 11.97
CA LEU A 209 -32.05 13.20 12.54
C LEU A 209 -31.30 11.91 12.76
N GLY A 210 -30.00 11.92 12.51
CA GLY A 210 -29.21 10.69 12.45
C GLY A 210 -29.20 10.18 11.04
N TRP A 211 -28.11 9.52 10.66
CA TRP A 211 -27.95 8.96 9.36
C TRP A 211 -27.19 7.68 9.41
N SER A 212 -27.27 6.93 8.32
CA SER A 212 -26.57 5.70 8.14
C SER A 212 -26.62 5.39 6.65
N GLN A 213 -26.60 4.12 6.29
CA GLN A 213 -26.52 3.71 4.88
C GLN A 213 -27.51 4.42 3.96
N PRO A 214 -28.74 4.68 4.44
CA PRO A 214 -29.66 5.31 3.49
C PRO A 214 -29.21 6.66 2.92
N CYS A 215 -28.42 7.41 3.65
CA CYS A 215 -27.99 8.71 3.14
C CYS A 215 -27.18 8.54 1.86
N ASP A 216 -26.49 7.43 1.69
CA ASP A 216 -25.79 7.13 0.46
C ASP A 216 -26.73 6.92 -0.71
N VAL A 217 -27.88 6.30 -0.45
CA VAL A 217 -28.85 6.02 -1.49
C VAL A 217 -29.40 7.31 -2.02
N TRP A 218 -29.67 8.25 -1.14
CA TRP A 218 -30.07 9.60 -1.55
C TRP A 218 -29.04 10.21 -2.50
N SER A 219 -27.76 10.15 -2.08
CA SER A 219 -26.72 10.72 -2.90
C SER A 219 -26.67 10.12 -4.25
N ILE A 220 -26.80 8.81 -4.32
CA ILE A 220 -26.77 8.12 -5.59
C ILE A 220 -27.93 8.58 -6.49
N GLY A 221 -29.11 8.79 -5.92
CA GLY A 221 -30.22 9.38 -6.67
C GLY A 221 -29.89 10.73 -7.28
N CYS A 222 -29.24 11.57 -6.50
CA CYS A 222 -28.81 12.87 -7.00
C CYS A 222 -27.80 12.71 -8.14
N ILE A 223 -26.88 11.79 -7.97
CA ILE A 223 -25.87 11.54 -8.98
C ILE A 223 -26.53 11.13 -10.28
N LEU A 224 -27.47 10.19 -10.19
CA LEU A 224 -28.05 9.66 -11.43
C LEU A 224 -28.75 10.77 -12.20
N ILE A 225 -29.46 11.63 -11.51
CA ILE A 225 -30.14 12.73 -12.16
C ILE A 225 -29.17 13.64 -12.86
N GLU A 226 -28.05 13.89 -12.19
CA GLU A 226 -27.02 14.72 -12.78
CA GLU A 226 -27.00 14.72 -12.76
C GLU A 226 -26.45 14.08 -14.02
N TYR A 227 -26.25 12.78 -14.00
CA TYR A 227 -25.80 12.08 -15.19
C TYR A 227 -26.81 12.20 -16.32
N TYR A 228 -28.09 12.24 -15.96
CA TYR A 228 -29.17 12.26 -16.95
C TYR A 228 -29.32 13.63 -17.55
N LEU A 229 -29.19 14.66 -16.73
CA LEU A 229 -29.37 16.04 -17.18
C LEU A 229 -28.09 16.78 -17.60
N GLY A 230 -26.96 16.40 -16.99
CA GLY A 230 -25.70 17.09 -17.21
C GLY A 230 -25.49 18.23 -16.22
N PHE A 231 -26.45 18.45 -15.33
CA PHE A 231 -26.38 19.46 -14.30
C PHE A 231 -27.14 19.01 -13.02
N THR A 232 -26.81 19.66 -11.92
CA THR A 232 -27.43 19.29 -10.66
C THR A 232 -28.77 19.97 -10.47
N VAL A 233 -29.70 19.25 -9.86
CA VAL A 233 -30.98 19.86 -9.61
C VAL A 233 -30.98 20.50 -8.22
N PHE A 234 -29.89 20.40 -7.42
CA PHE A 234 -29.80 21.16 -6.13
C PHE A 234 -28.62 22.09 -6.11
N PRO A 235 -28.61 23.11 -6.97
CA PRO A 235 -27.41 23.97 -7.02
C PRO A 235 -27.50 25.07 -5.95
N THR A 236 -27.14 24.72 -4.73
CA THR A 236 -27.08 25.67 -3.62
C THR A 236 -26.03 25.17 -2.63
N HIS A 237 -25.52 26.05 -1.76
CA HIS A 237 -24.88 25.55 -0.51
C HIS A 237 -25.56 26.06 0.77
N ASP A 238 -26.74 26.70 0.63
CA ASP A 238 -27.54 27.07 1.80
C ASP A 238 -28.53 25.94 2.11
N SER A 239 -28.56 25.53 3.37
CA SER A 239 -29.40 24.42 3.80
C SER A 239 -30.89 24.65 3.63
N LYS A 240 -31.34 25.83 4.00
CA LYS A 240 -32.76 26.13 3.95
C LYS A 240 -33.21 26.18 2.50
N GLU A 241 -32.41 26.81 1.65
CA GLU A 241 -32.69 26.84 0.21
C GLU A 241 -32.74 25.43 -0.40
N HIS A 242 -31.87 24.56 0.09
CA HIS A 242 -31.79 23.20 -0.32
C HIS A 242 -33.10 22.51 0.00
N LEU A 243 -33.61 22.77 1.19
CA LEU A 243 -34.85 22.18 1.58
C LEU A 243 -36.03 22.72 0.75
N ALA A 244 -35.96 24.00 0.41
CA ALA A 244 -36.98 24.61 -0.48
C ALA A 244 -36.94 24.00 -1.87
N MET A 245 -35.74 23.70 -2.34
CA MET A 245 -35.58 23.02 -3.63
C MET A 245 -36.15 21.60 -3.57
N MET A 246 -35.86 20.87 -2.50
CA MET A 246 -36.40 19.54 -2.33
C MET A 246 -37.93 19.57 -2.43
N GLU A 247 -38.55 20.53 -1.75
CA GLU A 247 -39.98 20.63 -1.68
C GLU A 247 -40.55 20.91 -3.04
N ARG A 248 -39.89 21.75 -3.82
CA ARG A 248 -40.34 22.06 -5.16
C ARG A 248 -40.27 20.83 -6.05
N ILE A 249 -39.27 19.97 -5.85
CA ILE A 249 -39.04 18.84 -6.74
C ILE A 249 -39.76 17.58 -6.29
N LEU A 250 -39.87 17.39 -4.99
CA LEU A 250 -40.35 16.14 -4.42
C LEU A 250 -41.61 16.30 -3.59
N GLY A 251 -42.08 17.51 -3.35
CA GLY A 251 -43.22 17.77 -2.47
C GLY A 251 -42.78 18.08 -1.05
N PRO A 252 -43.74 18.39 -0.17
CA PRO A 252 -43.42 18.77 1.20
C PRO A 252 -42.79 17.65 2.03
N LEU A 253 -41.95 18.02 2.99
CA LEU A 253 -41.28 17.04 3.83
C LEU A 253 -42.26 16.33 4.72
N PRO A 254 -41.96 15.10 5.15
CA PRO A 254 -42.88 14.45 6.08
C PRO A 254 -42.96 15.21 7.40
N LYS A 255 -44.19 15.34 7.93
CA LYS A 255 -44.46 16.12 9.15
C LYS A 255 -43.67 15.53 10.30
N HIS A 256 -43.58 14.20 10.35
CA HIS A 256 -42.91 13.54 11.46
C HIS A 256 -41.40 13.82 11.50
N MET A 257 -40.78 14.05 10.33
CA MET A 257 -39.36 14.45 10.31
C MET A 257 -39.23 15.91 10.73
N ILE A 258 -40.16 16.76 10.28
CA ILE A 258 -40.16 18.16 10.68
C ILE A 258 -40.34 18.28 12.19
N GLN A 259 -41.25 17.47 12.75
CA GLN A 259 -41.45 17.46 14.20
C GLN A 259 -40.22 16.99 15.01
N LYS A 260 -39.47 16.03 14.48
CA LYS A 260 -38.38 15.45 15.26
C LYS A 260 -37.10 16.28 15.21
N THR A 261 -36.95 17.15 14.22
CA THR A 261 -35.65 17.79 14.02
C THR A 261 -35.30 18.78 15.12
N ARG A 262 -34.02 18.81 15.46
CA ARG A 262 -33.51 19.78 16.44
C ARG A 262 -33.39 21.15 15.73
N LYS A 263 -33.30 21.14 14.39
CA LYS A 263 -33.04 22.35 13.59
C LYS A 263 -34.32 23.15 13.41
N ARG A 264 -34.78 23.74 14.50
CA ARG A 264 -36.05 24.50 14.52
C ARG A 264 -35.98 25.73 13.63
N LYS A 265 -34.80 26.33 13.53
CA LYS A 265 -34.57 27.51 12.70
C LYS A 265 -35.14 27.47 11.28
N TYR A 266 -35.15 26.31 10.65
CA TYR A 266 -35.64 26.18 9.27
C TYR A 266 -37.17 26.28 9.15
N PHE A 267 -37.88 26.11 10.26
CA PHE A 267 -39.33 25.93 10.23
C PHE A 267 -40.13 26.94 11.02
N HIS A 268 -41.43 26.95 10.78
CA HIS A 268 -42.34 27.80 11.49
C HIS A 268 -43.69 27.17 11.34
N HIS A 269 -44.30 26.79 12.48
CA HIS A 269 -45.57 26.04 12.51
C HIS A 269 -45.49 24.79 11.66
N ASP A 270 -44.40 24.05 11.85
CA ASP A 270 -44.12 22.82 11.12
C ASP A 270 -44.24 22.93 9.58
N ARG A 271 -43.87 24.10 9.05
CA ARG A 271 -43.76 24.34 7.63
C ARG A 271 -42.42 25.02 7.42
N LEU A 272 -41.83 24.83 6.25
CA LEU A 272 -40.53 25.41 5.96
C LEU A 272 -40.66 26.92 5.92
N ASP A 273 -39.79 27.59 6.68
CA ASP A 273 -39.80 29.04 6.79
C ASP A 273 -39.10 29.68 5.58
N TRP A 274 -39.82 29.71 4.48
CA TRP A 274 -39.26 30.05 3.18
C TRP A 274 -40.13 31.04 2.46
N ASP A 275 -39.62 32.22 2.16
CA ASP A 275 -40.36 33.21 1.37
C ASP A 275 -40.18 32.89 -0.13
N GLU A 276 -41.20 32.28 -0.70
CA GLU A 276 -41.27 32.03 -2.15
C GLU A 276 -41.14 33.28 -3.03
N HIS A 277 -41.52 34.44 -2.46
CA HIS A 277 -41.58 35.70 -3.20
C HIS A 277 -40.30 36.54 -3.03
N SER A 278 -39.34 36.08 -2.21
CA SER A 278 -38.00 36.70 -2.17
C SER A 278 -37.30 36.46 -3.49
N SER A 279 -36.19 37.15 -3.74
CA SER A 279 -35.45 36.92 -5.00
C SER A 279 -34.92 35.46 -5.06
N ALA A 280 -34.38 34.98 -3.94
CA ALA A 280 -33.98 33.56 -3.80
C ALA A 280 -35.15 32.59 -4.02
N GLY A 281 -36.31 32.93 -3.46
CA GLY A 281 -37.53 32.13 -3.62
C GLY A 281 -37.98 32.03 -5.07
N ARG A 282 -37.96 33.15 -5.77
CA ARG A 282 -38.33 33.19 -7.19
C ARG A 282 -37.36 32.40 -8.06
N TYR A 283 -36.07 32.41 -7.69
CA TYR A 283 -35.08 31.56 -8.33
C TYR A 283 -35.44 30.09 -8.14
N VAL A 284 -35.72 29.68 -6.89
CA VAL A 284 -36.05 28.26 -6.59
C VAL A 284 -37.25 27.78 -7.39
N SER A 285 -38.31 28.60 -7.42
CA SER A 285 -39.55 28.28 -8.17
C SER A 285 -39.33 28.11 -9.65
N ARG A 286 -38.45 28.91 -10.24
CA ARG A 286 -38.29 28.87 -11.68
C ARG A 286 -37.27 27.84 -12.10
N ALA A 287 -36.30 27.56 -11.24
CA ALA A 287 -35.23 26.59 -11.53
C ALA A 287 -35.64 25.16 -11.20
N CYS A 288 -36.44 25.00 -10.17
CA CYS A 288 -36.79 23.67 -9.72
C CYS A 288 -38.22 23.40 -10.08
N LYS A 289 -38.52 22.13 -10.27
CA LYS A 289 -39.86 21.71 -10.65
C LYS A 289 -40.02 20.25 -10.30
N PRO A 290 -41.26 19.74 -10.31
CA PRO A 290 -41.47 18.35 -9.92
C PRO A 290 -40.58 17.40 -10.71
N LEU A 291 -40.05 16.42 -10.00
CA LEU A 291 -39.04 15.50 -10.51
C LEU A 291 -39.29 15.03 -11.95
N LYS A 292 -40.51 14.54 -12.19
CA LYS A 292 -40.82 13.90 -13.47
C LYS A 292 -40.75 14.88 -14.60
N GLU A 293 -40.94 16.18 -14.32
CA GLU A 293 -40.90 17.16 -15.39
C GLU A 293 -39.51 17.33 -15.96
N PHE A 294 -38.47 16.80 -15.29
CA PHE A 294 -37.10 16.80 -15.85
C PHE A 294 -36.86 15.72 -16.91
N MET A 295 -37.81 14.80 -17.09
CA MET A 295 -37.63 13.72 -18.06
C MET A 295 -37.50 14.30 -19.45
N LEU A 296 -36.55 13.80 -20.23
CA LEU A 296 -36.32 14.25 -21.59
C LEU A 296 -37.12 13.45 -22.61
N SER A 297 -37.72 12.36 -22.16
CA SER A 297 -38.48 11.49 -23.04
C SER A 297 -39.44 10.74 -22.16
N GLN A 298 -40.54 10.29 -22.78
CA GLN A 298 -41.52 9.47 -22.09
C GLN A 298 -41.29 7.98 -22.36
N ASP A 299 -40.29 7.63 -23.16
CA ASP A 299 -39.95 6.23 -23.41
C ASP A 299 -39.83 5.43 -22.09
N VAL A 300 -40.18 4.15 -22.15
CA VAL A 300 -40.24 3.33 -20.95
C VAL A 300 -38.93 3.27 -20.13
N GLU A 301 -37.78 3.23 -20.80
CA GLU A 301 -36.48 3.17 -20.08
C GLU A 301 -36.23 4.42 -19.28
N HIS A 302 -36.66 5.56 -19.82
CA HIS A 302 -36.60 6.79 -19.08
C HIS A 302 -37.52 6.72 -17.87
N GLU A 303 -38.74 6.21 -18.09
CA GLU A 303 -39.67 6.05 -16.97
C GLU A 303 -39.20 5.10 -15.90
N ARG A 304 -38.53 4.03 -16.29
CA ARG A 304 -37.89 3.15 -15.34
C ARG A 304 -36.74 3.84 -14.55
N LEU A 305 -35.88 4.56 -15.24
CA LEU A 305 -34.78 5.29 -14.53
C LEU A 305 -35.41 6.22 -13.48
N PHE A 306 -36.40 7.01 -13.91
CA PHE A 306 -37.03 7.99 -12.99
C PHE A 306 -37.77 7.34 -11.84
N ASP A 307 -38.29 6.12 -12.03
CA ASP A 307 -38.95 5.43 -10.96
C ASP A 307 -37.92 5.07 -9.91
N LEU A 308 -36.77 4.57 -10.34
CA LEU A 308 -35.66 4.26 -9.40
C LEU A 308 -35.15 5.52 -8.67
N ILE A 309 -34.94 6.60 -9.42
CA ILE A 309 -34.49 7.87 -8.84
C ILE A 309 -35.47 8.38 -7.77
N GLN A 310 -36.76 8.34 -8.10
CA GLN A 310 -37.78 8.73 -7.16
C GLN A 310 -37.71 7.90 -5.90
N LYS A 311 -37.51 6.62 -6.03
CA LYS A 311 -37.39 5.76 -4.84
C LYS A 311 -36.11 6.05 -4.03
N MET A 312 -35.05 6.39 -4.72
CA MET A 312 -33.81 6.80 -4.01
C MET A 312 -33.96 8.13 -3.29
N LEU A 313 -34.85 8.99 -3.80
CA LEU A 313 -35.13 10.29 -3.19
C LEU A 313 -36.41 10.33 -2.33
N GLU A 314 -36.80 9.16 -1.81
CA GLU A 314 -37.72 9.09 -0.71
C GLU A 314 -37.16 9.88 0.51
N TYR A 315 -37.96 10.78 1.04
CA TYR A 315 -37.56 11.60 2.15
C TYR A 315 -37.19 10.80 3.41
N ASP A 316 -38.03 9.87 3.74
CA ASP A 316 -37.88 9.13 5.01
C ASP A 316 -36.86 8.06 4.80
N PRO A 317 -35.69 8.15 5.47
CA PRO A 317 -34.68 7.13 5.21
C PRO A 317 -35.10 5.70 5.58
N ALA A 318 -36.03 5.56 6.51
CA ALA A 318 -36.53 4.22 6.86
C ALA A 318 -37.34 3.59 5.71
N LYS A 319 -37.92 4.40 4.83
CA LYS A 319 -38.73 3.90 3.70
C LYS A 319 -37.98 3.90 2.38
N ARG A 320 -36.80 4.54 2.36
CA ARG A 320 -36.03 4.66 1.12
C ARG A 320 -35.58 3.28 0.64
N ILE A 321 -35.54 3.09 -0.67
CA ILE A 321 -35.05 1.84 -1.24
C ILE A 321 -33.61 1.62 -0.79
N THR A 322 -33.29 0.37 -0.53
CA THR A 322 -31.95 -0.05 -0.25
C THR A 322 -31.27 -0.38 -1.57
N LEU A 323 -29.95 -0.44 -1.54
CA LEU A 323 -29.20 -0.72 -2.75
C LEU A 323 -29.38 -2.16 -3.18
N ARG A 324 -29.53 -3.04 -2.20
CA ARG A 324 -29.84 -4.42 -2.46
C ARG A 324 -31.14 -4.60 -3.29
N GLU A 325 -32.15 -3.82 -2.98
CA GLU A 325 -33.41 -3.77 -3.75
C GLU A 325 -33.18 -3.02 -5.05
N ALA A 326 -32.39 -1.92 -5.00
CA ALA A 326 -32.18 -1.13 -6.22
C ALA A 326 -31.60 -1.98 -7.30
N LEU A 327 -30.75 -2.93 -6.91
CA LEU A 327 -30.07 -3.77 -7.89
C LEU A 327 -31.04 -4.68 -8.67
N LYS A 328 -32.24 -4.88 -8.12
CA LYS A 328 -33.31 -5.73 -8.76
C LYS A 328 -34.36 -4.90 -9.49
N HIS A 329 -34.13 -3.58 -9.58
CA HIS A 329 -35.11 -2.70 -10.19
C HIS A 329 -35.15 -2.95 -11.72
N PRO A 330 -36.32 -2.76 -12.35
CA PRO A 330 -36.45 -3.06 -13.79
C PRO A 330 -35.50 -2.31 -14.71
N PHE A 331 -35.13 -1.10 -14.30
CA PHE A 331 -34.14 -0.30 -15.03
C PHE A 331 -32.87 -1.08 -15.35
N PHE A 332 -32.50 -2.03 -14.50
CA PHE A 332 -31.35 -2.90 -14.75
C PHE A 332 -31.60 -4.22 -15.53
N ASP A 333 -32.87 -4.55 -15.80
CA ASP A 333 -33.23 -5.77 -16.57
C ASP A 333 -32.43 -5.89 -17.86
N LEU A 334 -32.26 -4.80 -18.61
CA LEU A 334 -31.50 -4.85 -19.86
C LEU A 334 -30.08 -5.36 -19.67
N LEU A 335 -29.50 -5.22 -18.46
CA LEU A 335 -28.15 -5.74 -18.22
C LEU A 335 -28.08 -7.25 -17.94
N LYS A 336 -29.22 -7.91 -17.82
CA LYS A 336 -29.24 -9.30 -17.39
C LYS A 336 -29.60 -10.19 -18.57
N LYS A 337 -29.19 -11.46 -18.54
CA LYS A 337 -29.47 -12.44 -19.61
C LYS A 337 -29.63 -13.82 -19.03
N SER B 1 41.66 3.02 -15.40
CA SER B 1 40.19 3.17 -15.15
C SER B 1 39.47 3.79 -16.34
N MET B 2 38.23 3.36 -16.52
CA MET B 2 37.48 3.70 -17.73
C MET B 2 37.25 5.20 -17.99
N HIS B 3 36.88 5.93 -16.94
CA HIS B 3 36.72 7.39 -16.94
C HIS B 3 37.91 8.13 -17.62
N LEU B 4 39.09 7.53 -17.62
CA LEU B 4 40.27 8.19 -18.19
C LEU B 4 40.33 8.11 -19.68
N ILE B 5 39.55 7.20 -20.26
CA ILE B 5 39.68 6.89 -21.70
C ILE B 5 38.34 6.90 -22.47
N CYS B 6 37.26 7.30 -21.82
CA CYS B 6 35.94 7.21 -22.43
C CYS B 6 35.24 8.55 -22.56
N GLN B 7 36.00 9.65 -22.49
CA GLN B 7 35.44 11.01 -22.54
C GLN B 7 35.33 11.58 -23.93
N SER B 8 34.45 12.57 -24.08
CA SER B 8 34.25 13.27 -25.35
C SER B 8 35.56 13.78 -25.81
N GLY B 9 35.84 13.61 -27.08
CA GLY B 9 37.10 14.12 -27.65
C GLY B 9 38.26 13.15 -27.63
N ASP B 10 38.25 12.14 -26.74
CA ASP B 10 39.29 11.11 -26.76
C ASP B 10 39.30 10.38 -28.10
N VAL B 11 40.48 10.02 -28.57
CA VAL B 11 40.64 9.17 -29.74
C VAL B 11 41.03 7.74 -29.34
N LEU B 12 40.32 6.75 -29.89
CA LEU B 12 40.63 5.34 -29.65
C LEU B 12 41.28 4.73 -30.89
N SER B 13 42.34 3.94 -30.67
CA SER B 13 43.03 3.21 -31.74
C SER B 13 43.40 4.10 -32.89
N ALA B 14 43.71 5.36 -32.60
CA ALA B 14 44.15 6.34 -33.62
C ALA B 14 43.13 6.59 -34.75
N ARG B 15 41.84 6.50 -34.42
CA ARG B 15 40.84 6.34 -35.46
C ARG B 15 39.46 6.85 -35.04
N TYR B 16 39.00 6.41 -33.86
CA TYR B 16 37.62 6.67 -33.41
C TYR B 16 37.63 7.80 -32.41
N GLU B 17 37.03 8.92 -32.78
CA GLU B 17 36.87 10.03 -31.85
C GLU B 17 35.54 9.93 -31.09
N ILE B 18 35.61 9.89 -29.76
CA ILE B 18 34.41 9.83 -28.94
C ILE B 18 33.57 11.12 -29.03
N VAL B 19 32.29 10.96 -29.33
CA VAL B 19 31.31 12.05 -29.35
C VAL B 19 30.60 12.12 -28.00
N ASP B 20 29.88 11.06 -27.63
CA ASP B 20 29.18 11.01 -26.37
C ASP B 20 28.91 9.56 -25.96
N THR B 21 28.41 9.35 -24.74
CA THR B 21 28.01 8.05 -24.23
C THR B 21 26.61 7.70 -24.72
N LEU B 22 26.47 6.52 -25.31
CA LEU B 22 25.18 5.99 -25.75
C LEU B 22 24.50 5.22 -24.63
N GLY B 23 25.28 4.55 -23.79
CA GLY B 23 24.70 3.77 -22.73
C GLY B 23 25.74 3.07 -21.94
N GLU B 24 25.28 2.45 -20.87
CA GLU B 24 26.17 1.78 -19.92
C GLU B 24 25.54 0.46 -19.53
N GLY B 25 26.39 -0.47 -19.13
CA GLY B 25 25.93 -1.71 -18.56
C GLY B 25 26.93 -2.17 -17.53
N ALA B 26 26.73 -3.38 -17.01
CA ALA B 26 27.66 -3.94 -16.03
C ALA B 26 29.09 -4.02 -16.63
N PHE B 27 29.15 -4.25 -17.93
CA PHE B 27 30.36 -4.47 -18.66
C PHE B 27 31.25 -3.23 -18.82
N GLY B 28 30.70 -2.02 -18.68
CA GLY B 28 31.36 -0.83 -19.12
C GLY B 28 30.41 0.09 -19.82
N LYS B 29 30.81 0.68 -20.95
CA LYS B 29 29.92 1.61 -21.61
C LYS B 29 30.02 1.54 -23.09
N VAL B 30 29.04 2.14 -23.76
CA VAL B 30 29.02 2.21 -25.19
C VAL B 30 29.01 3.66 -25.56
N VAL B 31 29.95 4.04 -26.42
CA VAL B 31 30.09 5.43 -26.83
C VAL B 31 29.94 5.53 -28.32
N GLU B 32 29.37 6.66 -28.76
CA GLU B 32 29.28 6.98 -30.17
C GLU B 32 30.62 7.60 -30.56
N CYS B 33 31.15 7.21 -31.72
CA CYS B 33 32.42 7.72 -32.19
C CYS B 33 32.33 8.10 -33.62
N ILE B 34 33.17 9.06 -33.97
CA ILE B 34 33.44 9.39 -35.38
C ILE B 34 34.62 8.56 -35.87
N ASP B 35 34.44 7.77 -36.91
CA ASP B 35 35.46 6.93 -37.47
C ASP B 35 36.22 7.70 -38.54
N HIS B 36 37.34 8.28 -38.12
CA HIS B 36 38.18 9.11 -39.03
C HIS B 36 38.84 8.35 -40.14
N LYS B 37 38.98 7.05 -40.05
CA LYS B 37 39.37 6.28 -41.23
C LYS B 37 38.27 6.13 -42.26
N ALA B 38 37.06 5.93 -41.81
CA ALA B 38 35.97 5.51 -42.73
C ALA B 38 35.16 6.76 -43.10
N GLY B 39 35.86 7.86 -43.37
CA GLY B 39 35.21 9.06 -43.89
C GLY B 39 34.41 9.87 -42.91
N GLY B 40 34.54 9.60 -41.62
CA GLY B 40 33.76 10.29 -40.61
C GLY B 40 32.48 9.57 -40.21
N ARG B 41 32.25 8.38 -40.75
CA ARG B 41 31.06 7.52 -40.38
C ARG B 41 30.97 7.40 -38.85
N HIS B 42 29.79 7.61 -38.28
CA HIS B 42 29.60 7.40 -36.82
C HIS B 42 29.42 5.93 -36.53
N VAL B 43 30.03 5.47 -35.42
CA VAL B 43 29.91 4.10 -34.99
C VAL B 43 29.65 4.06 -33.49
N ALA B 44 29.37 2.86 -32.99
CA ALA B 44 29.23 2.62 -31.55
C ALA B 44 30.42 1.79 -31.13
N VAL B 45 31.07 2.22 -30.04
CA VAL B 45 32.16 1.44 -29.52
C VAL B 45 31.82 1.04 -28.11
N LYS B 46 31.83 -0.26 -27.89
CA LYS B 46 31.60 -0.82 -26.60
C LYS B 46 32.99 -0.93 -25.91
N ILE B 47 33.20 -0.15 -24.86
CA ILE B 47 34.41 -0.18 -24.07
C ILE B 47 34.16 -1.02 -22.82
N VAL B 48 34.89 -2.13 -22.73
CA VAL B 48 34.69 -3.11 -21.70
C VAL B 48 35.68 -2.85 -20.54
N LYS B 49 35.16 -2.96 -19.33
CA LYS B 49 35.98 -2.88 -18.12
C LYS B 49 37.15 -3.83 -18.15
N ASN B 50 38.26 -3.40 -17.57
CA ASN B 50 39.42 -4.23 -17.50
C ASN B 50 39.29 -5.06 -16.23
N VAL B 51 38.36 -6.00 -16.27
CA VAL B 51 37.99 -6.85 -15.17
C VAL B 51 37.69 -8.20 -15.77
N ASP B 52 38.22 -9.25 -15.16
CA ASP B 52 38.32 -10.57 -15.77
C ASP B 52 36.98 -11.11 -16.32
N ARG B 53 35.94 -11.08 -15.49
CA ARG B 53 34.64 -11.56 -15.88
C ARG B 53 34.14 -10.86 -17.16
N TYR B 54 34.32 -9.55 -17.25
CA TYR B 54 33.83 -8.79 -18.41
C TYR B 54 34.74 -8.92 -19.61
N CYS B 55 36.05 -9.00 -19.41
CA CYS B 55 36.95 -9.37 -20.52
C CYS B 55 36.59 -10.72 -21.15
N GLU B 56 36.30 -11.69 -20.30
CA GLU B 56 35.93 -13.04 -20.76
C GLU B 56 34.64 -12.98 -21.56
N ALA B 57 33.62 -12.32 -21.01
CA ALA B 57 32.35 -12.15 -21.70
C ALA B 57 32.53 -11.43 -23.04
N ALA B 58 33.40 -10.42 -23.09
CA ALA B 58 33.64 -9.70 -24.30
C ALA B 58 34.28 -10.58 -25.37
N ARG B 59 35.25 -11.41 -24.97
CA ARG B 59 35.86 -12.37 -25.90
C ARG B 59 34.84 -13.36 -26.43
N SER B 60 33.98 -13.85 -25.53
CA SER B 60 32.84 -14.71 -25.92
C SER B 60 31.90 -14.00 -26.92
N GLU B 61 31.55 -12.74 -26.63
CA GLU B 61 30.68 -11.95 -27.51
C GLU B 61 31.26 -11.82 -28.89
N ILE B 62 32.55 -11.52 -28.97
CA ILE B 62 33.27 -11.41 -30.23
C ILE B 62 33.18 -12.73 -31.02
N GLN B 63 33.41 -13.86 -30.36
CA GLN B 63 33.27 -15.17 -31.04
C GLN B 63 31.84 -15.39 -31.55
N VAL B 64 30.84 -15.17 -30.70
CA VAL B 64 29.42 -15.30 -31.13
C VAL B 64 29.13 -14.41 -32.33
N LEU B 65 29.53 -13.14 -32.28
CA LEU B 65 29.27 -12.21 -33.38
C LEU B 65 30.00 -12.54 -34.67
N GLU B 66 31.21 -13.09 -34.60
CA GLU B 66 31.92 -13.53 -35.82
C GLU B 66 31.13 -14.62 -36.50
N HIS B 67 30.62 -15.54 -35.69
CA HIS B 67 29.75 -16.61 -36.16
C HIS B 67 28.45 -16.04 -36.77
N LEU B 68 27.70 -15.26 -36.02
CA LEU B 68 26.41 -14.75 -36.49
C LEU B 68 26.55 -13.83 -37.71
N ASN B 69 27.54 -12.94 -37.68
CA ASN B 69 27.73 -12.00 -38.79
C ASN B 69 28.26 -12.71 -40.06
N THR B 70 28.97 -13.83 -39.88
CA THR B 70 29.36 -14.71 -41.01
C THR B 70 28.14 -15.50 -41.56
N THR B 71 27.37 -16.13 -40.69
CA THR B 71 26.20 -16.88 -41.10
C THR B 71 25.16 -15.97 -41.77
N ASP B 72 25.05 -14.72 -41.33
CA ASP B 72 23.99 -13.81 -41.78
C ASP B 72 24.62 -12.44 -42.06
N PRO B 73 25.48 -12.38 -43.09
CA PRO B 73 26.22 -11.14 -43.41
C PRO B 73 25.36 -9.90 -43.70
N ASN B 74 24.14 -10.08 -44.18
CA ASN B 74 23.26 -8.93 -44.41
C ASN B 74 22.37 -8.58 -43.25
N SER B 75 22.51 -9.27 -42.13
CA SER B 75 21.65 -9.02 -40.93
C SER B 75 20.14 -9.16 -41.25
N THR B 76 19.81 -10.13 -42.07
CA THR B 76 18.42 -10.44 -42.33
C THR B 76 17.73 -10.81 -41.00
N PHE B 77 18.44 -11.45 -40.09
CA PHE B 77 17.89 -11.80 -38.79
C PHE B 77 18.18 -10.76 -37.66
N ARG B 78 18.66 -9.58 -38.04
CA ARG B 78 18.60 -8.42 -37.19
C ARG B 78 19.43 -8.49 -35.91
N CYS B 79 20.50 -9.28 -35.93
CA CYS B 79 21.55 -9.15 -34.92
C CYS B 79 22.50 -7.99 -35.30
N VAL B 80 22.89 -7.20 -34.31
CA VAL B 80 23.80 -6.08 -34.55
C VAL B 80 25.10 -6.54 -35.26
N GLN B 81 25.57 -5.73 -36.21
CA GLN B 81 26.80 -6.00 -36.97
C GLN B 81 28.00 -5.49 -36.16
N MET B 82 28.91 -6.40 -35.85
CA MET B 82 30.20 -6.03 -35.28
C MET B 82 31.14 -5.69 -36.42
N LEU B 83 31.78 -4.53 -36.33
CA LEU B 83 32.69 -4.10 -37.39
C LEU B 83 34.14 -4.55 -37.16
N GLU B 84 34.62 -4.42 -35.94
CA GLU B 84 35.95 -4.89 -35.55
C GLU B 84 36.07 -4.78 -34.03
N TRP B 85 37.19 -5.25 -33.51
CA TRP B 85 37.51 -5.03 -32.11
C TRP B 85 39.03 -4.71 -31.99
N PHE B 86 39.41 -4.07 -30.88
CA PHE B 86 40.79 -3.73 -30.59
C PHE B 86 40.92 -3.57 -29.05
N GLU B 87 42.14 -3.34 -28.59
CA GLU B 87 42.42 -3.04 -27.21
C GLU B 87 42.95 -1.63 -27.08
N HIS B 88 42.57 -0.99 -25.98
CA HIS B 88 42.91 0.37 -25.75
C HIS B 88 43.16 0.58 -24.28
N HIS B 89 44.44 0.85 -23.94
CA HIS B 89 44.88 0.92 -22.58
C HIS B 89 44.35 -0.26 -21.76
N GLY B 90 44.52 -1.47 -22.28
CA GLY B 90 44.06 -2.67 -21.59
C GLY B 90 42.56 -2.92 -21.60
N HIS B 91 41.78 -2.13 -22.34
CA HIS B 91 40.32 -2.33 -22.43
C HIS B 91 40.00 -2.94 -23.75
N ILE B 92 39.26 -4.03 -23.74
CA ILE B 92 38.68 -4.53 -24.99
C ILE B 92 37.65 -3.51 -25.46
N CYS B 93 37.72 -3.15 -26.74
CA CYS B 93 36.76 -2.28 -27.38
C CYS B 93 36.17 -2.98 -28.60
N ILE B 94 34.84 -3.04 -28.69
CA ILE B 94 34.15 -3.66 -29.80
C ILE B 94 33.40 -2.59 -30.54
N VAL B 95 33.63 -2.51 -31.84
CA VAL B 95 33.05 -1.50 -32.69
C VAL B 95 31.84 -2.17 -33.35
N PHE B 96 30.70 -1.48 -33.29
CA PHE B 96 29.46 -1.90 -33.88
C PHE B 96 28.92 -0.80 -34.78
N GLU B 97 28.06 -1.19 -35.71
CA GLU B 97 27.18 -0.24 -36.40
C GLU B 97 26.41 0.62 -35.41
N LEU B 98 26.22 1.88 -35.73
CA LEU B 98 25.50 2.77 -34.83
C LEU B 98 24.01 2.57 -34.98
N LEU B 99 23.33 2.30 -33.85
CA LEU B 99 21.88 2.13 -33.86
C LEU B 99 21.29 3.31 -33.06
N GLY B 100 19.96 3.39 -33.00
CA GLY B 100 19.30 4.47 -32.26
C GLY B 100 19.11 4.08 -30.82
N LEU B 101 18.15 4.74 -30.16
CA LEU B 101 17.81 4.45 -28.76
C LEU B 101 17.38 2.98 -28.55
N SER B 102 17.66 2.45 -27.37
CA SER B 102 17.07 1.22 -26.94
C SER B 102 15.58 1.43 -26.81
N THR B 103 14.84 0.33 -26.89
CA THR B 103 13.40 0.41 -26.67
C THR B 103 13.15 0.84 -25.25
N TYR B 104 14.02 0.48 -24.32
CA TYR B 104 13.92 0.99 -22.94
C TYR B 104 14.04 2.50 -22.87
N ASP B 105 15.11 3.04 -23.48
CA ASP B 105 15.32 4.47 -23.40
C ASP B 105 14.21 5.23 -24.09
N PHE B 106 13.72 4.69 -25.19
CA PHE B 106 12.62 5.37 -25.86
C PHE B 106 11.40 5.47 -24.94
N ILE B 107 11.07 4.39 -24.28
CA ILE B 107 9.91 4.39 -23.36
C ILE B 107 10.15 5.39 -22.22
N LYS B 108 11.32 5.31 -21.65
CA LYS B 108 11.75 6.23 -20.59
C LYS B 108 11.66 7.68 -21.00
N GLU B 109 12.21 8.02 -22.14
CA GLU B 109 12.16 9.39 -22.59
C GLU B 109 10.80 9.87 -23.02
N ASN B 110 9.87 8.94 -23.31
CA ASN B 110 8.52 9.30 -23.65
C ASN B 110 7.63 9.25 -22.40
N GLY B 111 8.25 9.36 -21.22
CA GLY B 111 7.48 9.43 -19.99
C GLY B 111 6.84 8.13 -19.56
N PHE B 112 7.49 7.03 -19.88
CA PHE B 112 7.00 5.71 -19.57
C PHE B 112 5.55 5.47 -20.09
N LEU B 113 5.31 5.87 -21.33
CA LEU B 113 4.15 5.53 -22.12
C LEU B 113 4.44 4.30 -23.01
N PRO B 114 3.40 3.47 -23.24
CA PRO B 114 3.61 2.30 -24.03
C PRO B 114 3.78 2.61 -25.55
N PHE B 115 4.20 1.60 -26.28
CA PHE B 115 4.10 1.63 -27.74
C PHE B 115 2.66 1.30 -28.24
N ARG B 116 2.34 1.85 -29.39
CA ARG B 116 1.09 1.56 -30.06
C ARG B 116 1.12 0.11 -30.58
N LEU B 117 -0.06 -0.52 -30.62
CA LEU B 117 -0.15 -1.95 -30.89
C LEU B 117 0.41 -2.41 -32.24
N ASP B 118 0.19 -1.64 -33.29
CA ASP B 118 0.81 -1.95 -34.59
C ASP B 118 2.37 -1.94 -34.57
N HIS B 119 2.94 -1.04 -33.81
CA HIS B 119 4.40 -1.11 -33.59
C HIS B 119 4.84 -2.29 -32.77
N ILE B 120 4.09 -2.58 -31.70
CA ILE B 120 4.42 -3.73 -30.90
C ILE B 120 4.42 -4.99 -31.81
N ARG B 121 3.41 -5.09 -32.67
CA ARG B 121 3.31 -6.25 -33.59
C ARG B 121 4.55 -6.39 -34.45
N LYS B 122 4.97 -5.30 -35.09
CA LYS B 122 6.23 -5.34 -35.88
C LYS B 122 7.47 -5.65 -35.09
N MET B 123 7.59 -5.00 -33.94
CA MET B 123 8.78 -5.19 -33.08
C MET B 123 8.79 -6.62 -32.55
N ALA B 124 7.63 -7.13 -32.10
CA ALA B 124 7.54 -8.51 -31.59
C ALA B 124 7.94 -9.52 -32.66
N TYR B 125 7.46 -9.31 -33.87
CA TYR B 125 7.78 -10.22 -34.94
C TYR B 125 9.29 -10.23 -35.18
N GLN B 126 9.87 -9.08 -35.30
CA GLN B 126 11.34 -9.00 -35.53
C GLN B 126 12.17 -9.58 -34.41
N ILE B 127 11.77 -9.35 -33.16
CA ILE B 127 12.47 -9.93 -32.03
C ILE B 127 12.40 -11.46 -32.11
N CYS B 128 11.18 -11.98 -32.35
CA CYS B 128 11.00 -13.44 -32.41
C CYS B 128 11.85 -14.05 -33.53
N LYS B 129 11.88 -13.37 -34.67
CA LYS B 129 12.62 -13.84 -35.78
C LYS B 129 14.13 -13.85 -35.51
N SER B 130 14.60 -12.76 -34.90
CA SER B 130 16.01 -12.62 -34.61
C SER B 130 16.49 -13.64 -33.59
N VAL B 131 15.75 -13.77 -32.50
CA VAL B 131 16.12 -14.70 -31.46
C VAL B 131 15.90 -16.15 -31.92
N ASN B 132 14.90 -16.37 -32.75
CA ASN B 132 14.72 -17.69 -33.34
C ASN B 132 15.97 -18.13 -34.15
N PHE B 133 16.56 -17.17 -34.86
CA PHE B 133 17.77 -17.42 -35.61
C PHE B 133 18.85 -17.90 -34.66
N LEU B 134 18.95 -17.27 -33.50
CA LEU B 134 19.90 -17.71 -32.53
C LEU B 134 19.58 -19.11 -32.11
N HIS B 135 18.31 -19.33 -31.75
CA HIS B 135 17.83 -20.67 -31.36
C HIS B 135 18.09 -21.74 -32.43
N SER B 136 18.00 -21.37 -33.71
CA SER B 136 18.38 -22.27 -34.80
C SER B 136 19.85 -22.59 -34.88
N ASN B 137 20.68 -21.74 -34.31
CA ASN B 137 22.12 -21.91 -34.39
C ASN B 137 22.69 -22.35 -33.03
N LYS B 138 21.88 -23.08 -32.26
CA LYS B 138 22.25 -23.66 -30.98
C LYS B 138 22.70 -22.66 -29.93
N LEU B 139 22.10 -21.46 -29.96
CA LEU B 139 22.39 -20.40 -29.02
C LEU B 139 21.16 -19.98 -28.23
N THR B 140 21.41 -19.62 -26.98
CA THR B 140 20.45 -18.94 -26.13
C THR B 140 21.08 -17.62 -25.73
N HIS B 141 20.33 -16.52 -25.87
CA HIS B 141 20.84 -15.18 -25.56
C HIS B 141 21.03 -15.02 -24.06
N THR B 142 19.96 -15.34 -23.31
CA THR B 142 19.86 -15.28 -21.85
C THR B 142 19.70 -13.90 -21.20
N ASP B 143 19.87 -12.83 -21.95
CA ASP B 143 19.84 -11.51 -21.40
C ASP B 143 18.99 -10.58 -22.26
N LEU B 144 17.84 -11.06 -22.70
CA LEU B 144 16.91 -10.22 -23.48
C LEU B 144 16.18 -9.30 -22.53
N LYS B 145 16.12 -8.04 -22.89
CA LYS B 145 15.42 -7.04 -22.12
C LYS B 145 15.30 -5.84 -23.04
N PRO B 146 14.45 -4.88 -22.68
CA PRO B 146 14.27 -3.74 -23.59
C PRO B 146 15.54 -2.90 -23.85
N GLU B 147 16.48 -2.89 -22.93
CA GLU B 147 17.81 -2.22 -23.14
C GLU B 147 18.62 -2.90 -24.26
N ASN B 148 18.30 -4.16 -24.57
CA ASN B 148 19.07 -4.93 -25.55
C ASN B 148 18.34 -5.09 -26.84
N ILE B 149 17.20 -4.40 -26.98
CA ILE B 149 16.52 -4.25 -28.24
C ILE B 149 16.60 -2.80 -28.62
N LEU B 150 17.19 -2.52 -29.74
CA LEU B 150 17.47 -1.15 -30.17
C LEU B 150 16.77 -0.88 -31.46
N PHE B 151 16.24 0.32 -31.61
CA PHE B 151 15.73 0.77 -32.88
C PHE B 151 16.83 1.04 -33.82
N VAL B 152 16.67 0.62 -35.06
CA VAL B 152 17.59 0.98 -36.10
C VAL B 152 17.66 2.51 -36.21
N GLN B 153 16.52 3.17 -36.21
CA GLN B 153 16.40 4.60 -36.09
C GLN B 153 15.31 4.92 -35.09
N SER B 154 15.64 5.75 -34.11
CA SER B 154 14.65 6.09 -33.06
C SER B 154 14.00 7.45 -33.28
N ASP B 155 14.08 7.96 -34.50
CA ASP B 155 13.46 9.24 -34.78
C ASP B 155 11.90 9.14 -34.55
N TYR B 156 11.30 10.25 -34.12
CA TYR B 156 9.92 10.32 -33.80
C TYR B 156 9.29 11.63 -34.23
N THR B 157 7.97 11.64 -34.32
CA THR B 157 7.20 12.88 -34.42
C THR B 157 6.57 13.15 -33.06
N GLU B 158 6.28 14.41 -32.79
CA GLU B 158 5.85 14.86 -31.48
C GLU B 158 4.64 15.76 -31.60
N ALA B 159 3.54 15.39 -30.94
CA ALA B 159 2.33 16.20 -30.94
C ALA B 159 1.72 16.25 -29.54
N TYR B 160 0.91 17.28 -29.30
CA TYR B 160 0.10 17.36 -28.10
C TYR B 160 -1.03 16.36 -28.24
N ASN B 161 -1.25 15.58 -27.19
CA ASN B 161 -2.29 14.60 -27.19
C ASN B 161 -3.38 15.04 -26.20
N PRO B 162 -4.53 15.55 -26.72
CA PRO B 162 -5.64 16.00 -25.85
C PRO B 162 -6.09 14.96 -24.84
N LYS B 163 -6.11 13.70 -25.26
CA LYS B 163 -6.59 12.63 -24.41
C LYS B 163 -5.75 12.41 -23.14
N ILE B 164 -4.45 12.51 -23.25
CA ILE B 164 -3.56 12.33 -22.06
C ILE B 164 -3.02 13.67 -21.54
N LYS B 165 -3.42 14.76 -22.19
CA LYS B 165 -3.05 16.12 -21.79
C LYS B 165 -1.53 16.41 -21.69
N ARG B 166 -0.74 15.70 -22.47
CA ARG B 166 0.69 15.93 -22.55
C ARG B 166 1.16 15.68 -23.97
N ASP B 167 2.36 16.20 -24.29
CA ASP B 167 3.01 15.89 -25.55
C ASP B 167 3.40 14.41 -25.59
N GLU B 168 3.32 13.81 -26.77
CA GLU B 168 3.63 12.40 -26.94
C GLU B 168 4.53 12.22 -28.15
N ARG B 169 5.50 11.33 -28.03
CA ARG B 169 6.37 10.98 -29.13
C ARG B 169 5.82 9.75 -29.83
N THR B 170 5.71 9.84 -31.14
CA THR B 170 5.40 8.69 -31.97
C THR B 170 6.54 8.31 -32.90
N LEU B 171 6.92 7.06 -32.80
CA LEU B 171 8.03 6.50 -33.51
C LEU B 171 7.73 6.47 -34.97
N ILE B 172 8.70 6.89 -35.77
CA ILE B 172 8.51 6.89 -37.24
C ILE B 172 8.76 5.49 -37.80
N ASN B 173 9.89 4.89 -37.46
CA ASN B 173 10.18 3.54 -37.93
C ASN B 173 10.47 2.62 -36.76
N PRO B 174 9.64 1.57 -36.58
CA PRO B 174 9.82 0.71 -35.43
C PRO B 174 10.82 -0.45 -35.62
N ASP B 175 11.54 -0.54 -36.75
CA ASP B 175 12.52 -1.64 -36.97
C ASP B 175 13.55 -1.71 -35.83
N ILE B 176 13.90 -2.94 -35.43
CA ILE B 176 14.85 -3.17 -34.36
C ILE B 176 16.00 -4.10 -34.72
N LYS B 177 17.01 -4.09 -33.86
CA LYS B 177 18.03 -5.12 -33.81
C LYS B 177 18.26 -5.58 -32.40
N VAL B 178 18.78 -6.77 -32.27
CA VAL B 178 19.13 -7.34 -30.99
C VAL B 178 20.63 -7.13 -30.72
N VAL B 179 20.96 -6.72 -29.51
CA VAL B 179 22.37 -6.54 -29.12
C VAL B 179 22.71 -7.35 -27.86
N ASP B 180 24.00 -7.28 -27.51
CA ASP B 180 24.61 -7.82 -26.29
C ASP B 180 24.62 -9.33 -26.26
N PHE B 181 25.69 -9.86 -26.83
CA PHE B 181 25.90 -11.29 -26.94
C PHE B 181 26.98 -11.77 -25.97
N GLY B 182 27.17 -11.02 -24.90
CA GLY B 182 28.16 -11.33 -23.91
C GLY B 182 27.75 -12.44 -22.95
N SER B 183 26.46 -12.78 -22.90
CA SER B 183 26.00 -13.93 -22.09
C SER B 183 25.51 -15.08 -22.93
N ALA B 184 25.49 -14.93 -24.26
CA ALA B 184 24.93 -15.90 -25.13
C ALA B 184 25.70 -17.19 -24.98
N THR B 185 24.98 -18.31 -24.93
CA THR B 185 25.55 -19.57 -24.57
C THR B 185 25.13 -20.64 -25.57
N TYR B 186 26.11 -21.40 -26.06
CA TYR B 186 25.88 -22.50 -27.00
C TYR B 186 25.35 -23.68 -26.23
N ASP B 187 24.58 -24.50 -26.91
CA ASP B 187 23.99 -25.69 -26.30
C ASP B 187 25.04 -26.57 -25.59
N ASP B 188 26.21 -26.72 -26.22
CA ASP B 188 27.24 -27.61 -25.70
C ASP B 188 28.14 -26.97 -24.62
N GLU B 189 27.90 -25.72 -24.24
CA GLU B 189 28.77 -25.00 -23.29
C GLU B 189 28.21 -25.13 -21.91
N HIS B 190 29.05 -24.79 -20.93
CA HIS B 190 28.62 -24.75 -19.57
C HIS B 190 27.56 -23.65 -19.36
N HIS B 191 26.45 -24.03 -18.73
CA HIS B 191 25.35 -23.13 -18.41
C HIS B 191 25.46 -22.70 -16.94
N SER B 192 25.73 -21.43 -16.67
CA SER B 192 25.84 -21.00 -15.25
C SER B 192 24.49 -21.08 -14.56
N THR B 193 24.55 -21.27 -13.25
CA THR B 193 23.38 -21.28 -12.41
C THR B 193 23.14 -19.92 -11.83
N LEU B 194 24.21 -19.15 -11.55
CA LEU B 194 24.03 -17.80 -10.99
C LEU B 194 23.58 -16.76 -12.03
N VAL B 195 22.58 -15.92 -11.70
CA VAL B 195 22.26 -14.71 -12.46
C VAL B 195 22.30 -13.47 -11.55
N SER B 196 22.92 -12.37 -12.02
CA SER B 196 22.81 -11.04 -11.33
C SER B 196 21.40 -10.48 -11.55
N THR B 197 20.59 -10.33 -10.49
CA THR B 197 19.08 -10.43 -10.62
C THR B 197 18.53 -9.67 -11.85
N ARG B 198 17.52 -10.28 -12.50
CA ARG B 198 16.71 -9.64 -13.48
C ARG B 198 15.21 -9.86 -13.40
N HIS B 199 14.60 -8.80 -13.86
CA HIS B 199 13.18 -8.69 -14.10
C HIS B 199 12.73 -9.62 -15.26
N TYR B 200 13.69 -10.12 -16.09
CA TYR B 200 13.35 -10.90 -17.33
C TYR B 200 13.76 -12.34 -17.20
N ARG B 201 14.06 -12.72 -15.99
CA ARG B 201 14.50 -14.04 -15.69
C ARG B 201 13.34 -15.05 -15.56
N ALA B 202 13.50 -16.17 -16.25
CA ALA B 202 12.45 -17.22 -16.30
C ALA B 202 12.35 -17.99 -14.99
N PRO B 203 11.17 -18.56 -14.69
CA PRO B 203 11.04 -19.34 -13.44
C PRO B 203 12.03 -20.50 -13.29
N GLU B 204 12.32 -21.22 -14.37
CA GLU B 204 13.38 -22.24 -14.31
C GLU B 204 14.78 -21.72 -13.94
N VAL B 205 15.07 -20.47 -14.29
CA VAL B 205 16.32 -19.85 -13.92
C VAL B 205 16.28 -19.51 -12.42
N ILE B 206 15.24 -18.83 -11.98
CA ILE B 206 15.13 -18.45 -10.57
C ILE B 206 15.21 -19.69 -9.67
N LEU B 207 14.60 -20.80 -10.11
CA LEU B 207 14.57 -22.01 -9.34
C LEU B 207 15.77 -22.92 -9.58
N ALA B 208 16.70 -22.50 -10.44
CA ALA B 208 17.90 -23.28 -10.73
C ALA B 208 17.57 -24.69 -11.17
N LEU B 209 16.64 -24.82 -12.12
CA LEU B 209 16.24 -26.13 -12.67
C LEU B 209 16.96 -26.48 -13.94
N GLY B 210 17.90 -25.64 -14.36
CA GLY B 210 18.48 -25.73 -15.70
C GLY B 210 17.64 -24.95 -16.71
N TRP B 211 18.29 -24.50 -17.77
CA TRP B 211 17.66 -23.64 -18.75
C TRP B 211 18.27 -23.87 -20.09
N SER B 212 17.57 -23.42 -21.10
CA SER B 212 18.06 -23.40 -22.48
C SER B 212 17.17 -22.39 -23.25
N GLN B 213 16.94 -22.61 -24.53
CA GLN B 213 16.27 -21.64 -25.39
C GLN B 213 14.93 -21.12 -24.80
N PRO B 214 14.17 -22.00 -24.12
CA PRO B 214 12.90 -21.47 -23.60
C PRO B 214 13.01 -20.28 -22.63
N CYS B 215 14.12 -20.14 -21.92
CA CYS B 215 14.28 -18.98 -21.01
C CYS B 215 14.27 -17.66 -21.76
N ASP B 216 14.73 -17.66 -23.00
CA ASP B 216 14.60 -16.49 -23.88
C ASP B 216 13.15 -16.14 -24.23
N VAL B 217 12.33 -17.17 -24.40
CA VAL B 217 10.94 -16.94 -24.76
C VAL B 217 10.25 -16.25 -23.61
N TRP B 218 10.52 -16.72 -22.39
CA TRP B 218 9.98 -16.05 -21.20
C TRP B 218 10.34 -14.58 -21.18
N SER B 219 11.62 -14.30 -21.43
CA SER B 219 12.10 -12.90 -21.45
C SER B 219 11.40 -12.06 -22.48
N ILE B 220 11.19 -12.63 -23.66
CA ILE B 220 10.43 -11.93 -24.70
C ILE B 220 8.97 -11.64 -24.26
N GLY B 221 8.31 -12.59 -23.62
CA GLY B 221 7.00 -12.32 -23.06
C GLY B 221 6.97 -11.14 -22.13
N CYS B 222 7.97 -11.07 -21.24
CA CYS B 222 8.07 -9.95 -20.29
C CYS B 222 8.28 -8.64 -21.06
N ILE B 223 9.13 -8.69 -22.07
CA ILE B 223 9.37 -7.53 -22.89
C ILE B 223 8.06 -7.03 -23.56
N LEU B 224 7.32 -7.95 -24.19
CA LEU B 224 6.14 -7.52 -24.91
C LEU B 224 5.14 -6.84 -24.02
N ILE B 225 4.92 -7.40 -22.84
CA ILE B 225 3.95 -6.80 -21.92
C ILE B 225 4.42 -5.42 -21.44
N GLU B 226 5.74 -5.23 -21.30
CA GLU B 226 6.33 -3.91 -21.00
CA GLU B 226 6.28 -3.91 -20.97
C GLU B 226 6.09 -2.92 -22.10
N TYR B 227 6.25 -3.38 -23.34
CA TYR B 227 5.92 -2.52 -24.47
C TYR B 227 4.42 -2.12 -24.52
N TYR B 228 3.56 -3.02 -24.07
CA TYR B 228 2.12 -2.77 -24.08
C TYR B 228 1.71 -1.82 -22.99
N LEU B 229 2.35 -1.94 -21.83
CA LEU B 229 1.98 -1.15 -20.66
C LEU B 229 2.82 0.07 -20.38
N GLY B 230 4.08 0.02 -20.79
CA GLY B 230 5.00 1.11 -20.58
C GLY B 230 5.79 0.99 -19.29
N PHE B 231 5.61 -0.09 -18.58
CA PHE B 231 6.34 -0.31 -17.36
C PHE B 231 6.62 -1.78 -17.21
N THR B 232 7.57 -2.03 -16.33
CA THR B 232 8.10 -3.34 -16.02
C THR B 232 7.08 -4.11 -15.23
N VAL B 233 6.86 -5.35 -15.58
CA VAL B 233 5.79 -6.10 -14.92
C VAL B 233 6.29 -6.76 -13.58
N PHE B 234 7.59 -7.00 -13.51
CA PHE B 234 8.18 -7.62 -12.33
C PHE B 234 9.25 -6.67 -11.73
N PRO B 235 8.83 -5.52 -11.18
CA PRO B 235 9.82 -4.52 -10.67
C PRO B 235 10.25 -4.85 -9.25
N THR B 236 11.10 -5.82 -9.12
CA THR B 236 11.60 -6.21 -7.80
C THR B 236 13.01 -6.70 -8.05
N HIS B 237 13.85 -6.68 -7.03
CA HIS B 237 15.11 -7.42 -7.12
C HIS B 237 15.15 -8.59 -6.16
N ASP B 238 14.05 -8.83 -5.44
CA ASP B 238 13.99 -9.96 -4.55
C ASP B 238 13.34 -11.13 -5.28
N SER B 239 14.00 -12.28 -5.25
CA SER B 239 13.59 -13.46 -5.99
C SER B 239 12.26 -13.99 -5.54
N LYS B 240 12.07 -14.01 -4.24
CA LYS B 240 10.86 -14.55 -3.69
C LYS B 240 9.66 -13.67 -4.03
N GLU B 241 9.83 -12.36 -3.91
CA GLU B 241 8.81 -11.39 -4.25
C GLU B 241 8.48 -11.47 -5.75
N HIS B 242 9.50 -11.74 -6.54
CA HIS B 242 9.35 -11.97 -7.96
C HIS B 242 8.41 -13.17 -8.17
N LEU B 243 8.63 -14.23 -7.42
CA LEU B 243 7.85 -15.44 -7.57
C LEU B 243 6.42 -15.18 -7.11
N ALA B 244 6.27 -14.36 -6.08
CA ALA B 244 4.94 -14.00 -5.61
C ALA B 244 4.21 -13.18 -6.66
N MET B 245 4.93 -12.30 -7.34
CA MET B 245 4.36 -11.51 -8.41
C MET B 245 3.91 -12.41 -9.54
N MET B 246 4.75 -13.38 -9.90
CA MET B 246 4.38 -14.35 -10.93
C MET B 246 3.05 -15.05 -10.58
N GLU B 247 2.92 -15.48 -9.33
CA GLU B 247 1.77 -16.22 -8.87
C GLU B 247 0.52 -15.38 -8.93
N ARG B 248 0.64 -14.09 -8.60
CA ARG B 248 -0.49 -13.19 -8.68
C ARG B 248 -0.93 -12.96 -10.13
N ILE B 249 0.02 -12.93 -11.05
CA ILE B 249 -0.30 -12.60 -12.43
C ILE B 249 -0.66 -13.84 -13.24
N LEU B 250 0.00 -14.95 -12.96
CA LEU B 250 -0.11 -16.14 -13.76
C LEU B 250 -0.74 -17.36 -13.06
N GLY B 251 -0.99 -17.27 -11.76
CA GLY B 251 -1.41 -18.44 -10.97
C GLY B 251 -0.23 -19.18 -10.34
N PRO B 252 -0.52 -20.21 -9.54
CA PRO B 252 0.54 -20.90 -8.77
C PRO B 252 1.51 -21.64 -9.67
N LEU B 253 2.74 -21.79 -9.19
CA LEU B 253 3.74 -22.52 -9.95
C LEU B 253 3.39 -23.99 -10.05
N PRO B 254 3.82 -24.66 -11.12
CA PRO B 254 3.60 -26.11 -11.13
C PRO B 254 4.29 -26.82 -9.96
N LYS B 255 3.57 -27.77 -9.34
CA LYS B 255 4.07 -28.52 -8.18
C LYS B 255 5.37 -29.24 -8.53
N HIS B 256 5.43 -29.80 -9.74
CA HIS B 256 6.60 -30.58 -10.12
C HIS B 256 7.89 -29.73 -10.21
N MET B 257 7.75 -28.45 -10.55
CA MET B 257 8.92 -27.55 -10.55
C MET B 257 9.30 -27.16 -9.14
N ILE B 258 8.29 -26.94 -8.30
CA ILE B 258 8.56 -26.66 -6.90
C ILE B 258 9.28 -27.87 -6.26
N GLN B 259 8.81 -29.07 -6.57
CA GLN B 259 9.43 -30.28 -6.03
C GLN B 259 10.91 -30.44 -6.47
N LYS B 260 11.22 -30.06 -7.69
CA LYS B 260 12.56 -30.35 -8.22
C LYS B 260 13.62 -29.31 -7.81
N THR B 261 13.21 -28.13 -7.37
CA THR B 261 14.19 -27.06 -7.15
C THR B 261 15.12 -27.28 -5.96
N ARG B 262 16.37 -26.84 -6.14
CA ARG B 262 17.43 -26.86 -5.14
C ARG B 262 17.40 -25.57 -4.30
N LYS B 263 16.46 -24.67 -4.60
CA LYS B 263 16.19 -23.45 -3.80
C LYS B 263 15.03 -23.64 -2.82
N ARG B 264 15.30 -24.44 -1.79
CA ARG B 264 14.29 -24.80 -0.79
C ARG B 264 13.81 -23.59 0.00
N LYS B 265 14.71 -22.63 0.23
CA LYS B 265 14.38 -21.40 0.96
C LYS B 265 13.09 -20.67 0.57
N TYR B 266 12.72 -20.71 -0.71
CA TYR B 266 11.52 -20.00 -1.17
C TYR B 266 10.22 -20.67 -0.76
N PHE B 267 10.28 -21.94 -0.36
CA PHE B 267 9.07 -22.74 -0.22
C PHE B 267 8.89 -23.32 1.16
N HIS B 268 7.70 -23.83 1.39
CA HIS B 268 7.40 -24.51 2.59
C HIS B 268 6.16 -25.33 2.34
N HIS B 269 6.28 -26.64 2.53
CA HIS B 269 5.24 -27.63 2.18
C HIS B 269 4.81 -27.48 0.74
N ASP B 270 5.81 -27.37 -0.13
CA ASP B 270 5.61 -27.17 -1.58
C ASP B 270 4.65 -26.01 -1.97
N ARG B 271 4.67 -24.95 -1.18
CA ARG B 271 3.93 -23.74 -1.48
C ARG B 271 4.93 -22.62 -1.27
N LEU B 272 4.73 -21.53 -1.99
CA LEU B 272 5.63 -20.40 -1.89
C LEU B 272 5.50 -19.84 -0.47
N ASP B 273 6.63 -19.67 0.20
CA ASP B 273 6.68 -19.18 1.58
C ASP B 273 6.53 -17.66 1.61
N TRP B 274 5.29 -17.23 1.41
CA TRP B 274 4.95 -15.84 1.11
C TRP B 274 3.70 -15.46 1.88
N ASP B 275 3.85 -14.56 2.81
CA ASP B 275 2.70 -14.08 3.56
C ASP B 275 2.03 -12.99 2.74
N GLU B 276 0.90 -13.35 2.12
CA GLU B 276 0.07 -12.39 1.38
C GLU B 276 -0.40 -11.20 2.23
N HIS B 277 -0.47 -11.41 3.55
CA HIS B 277 -0.98 -10.42 4.50
C HIS B 277 0.11 -9.57 5.15
N SER B 278 1.40 -9.84 4.85
CA SER B 278 2.49 -8.91 5.21
C SER B 278 2.34 -7.62 4.43
N SER B 279 3.10 -6.59 4.78
CA SER B 279 3.01 -5.33 4.02
C SER B 279 3.48 -5.56 2.57
N ALA B 280 4.59 -6.29 2.40
CA ALA B 280 5.09 -6.66 1.06
C ALA B 280 4.07 -7.47 0.27
N GLY B 281 3.40 -8.38 0.97
CA GLY B 281 2.37 -9.20 0.37
C GLY B 281 1.16 -8.42 -0.10
N ARG B 282 0.71 -7.48 0.72
CA ARG B 282 -0.40 -6.58 0.36
C ARG B 282 -0.04 -5.69 -0.84
N TYR B 283 1.23 -5.27 -0.90
CA TYR B 283 1.71 -4.55 -2.06
C TYR B 283 1.60 -5.40 -3.32
N VAL B 284 2.17 -6.60 -3.29
CA VAL B 284 2.14 -7.47 -4.44
C VAL B 284 0.69 -7.69 -4.90
N SER B 285 -0.23 -7.97 -3.95
CA SER B 285 -1.67 -8.18 -4.28
C SER B 285 -2.34 -7.03 -4.97
N ARG B 286 -2.02 -5.82 -4.54
CA ARG B 286 -2.74 -4.66 -5.02
C ARG B 286 -2.11 -4.12 -6.27
N ALA B 287 -0.81 -4.35 -6.45
CA ALA B 287 -0.10 -3.89 -7.64
C ALA B 287 -0.19 -4.87 -8.80
N CYS B 288 -0.16 -6.16 -8.51
CA CYS B 288 -0.13 -7.20 -9.55
C CYS B 288 -1.52 -7.75 -9.61
N LYS B 289 -1.87 -8.29 -10.76
CA LYS B 289 -3.17 -8.88 -10.95
C LYS B 289 -3.11 -9.83 -12.12
N PRO B 290 -4.16 -10.64 -12.27
CA PRO B 290 -4.10 -11.62 -13.33
C PRO B 290 -3.78 -10.96 -14.65
N LEU B 291 -2.95 -11.66 -15.42
CA LEU B 291 -2.45 -11.16 -16.70
C LEU B 291 -3.48 -10.44 -17.54
N LYS B 292 -4.64 -11.08 -17.75
CA LYS B 292 -5.66 -10.53 -18.69
C LYS B 292 -6.27 -9.23 -18.19
N GLU B 293 -6.21 -8.98 -16.88
CA GLU B 293 -6.74 -7.73 -16.36
C GLU B 293 -5.88 -6.54 -16.69
N PHE B 294 -4.65 -6.76 -17.20
CA PHE B 294 -3.83 -5.66 -17.74
C PHE B 294 -4.26 -5.17 -19.11
N MET B 295 -5.16 -5.89 -19.78
CA MET B 295 -5.54 -5.52 -21.14
C MET B 295 -6.23 -4.18 -21.12
N LEU B 296 -5.86 -3.32 -22.06
CA LEU B 296 -6.42 -1.98 -22.14
C LEU B 296 -7.66 -1.91 -23.02
N SER B 297 -7.91 -2.99 -23.74
CA SER B 297 -9.07 -3.09 -24.62
C SER B 297 -9.40 -4.56 -24.73
N GLN B 298 -10.66 -4.83 -25.04
CA GLN B 298 -11.10 -6.17 -25.36
C GLN B 298 -11.10 -6.46 -26.85
N ASP B 299 -10.72 -5.50 -27.69
CA ASP B 299 -10.59 -5.72 -29.13
CA ASP B 299 -10.64 -5.74 -29.13
C ASP B 299 -9.77 -6.97 -29.45
N VAL B 300 -10.10 -7.64 -30.54
CA VAL B 300 -9.48 -8.92 -30.86
C VAL B 300 -7.95 -8.92 -30.98
N GLU B 301 -7.39 -7.85 -31.52
CA GLU B 301 -5.91 -7.79 -31.63
C GLU B 301 -5.23 -7.77 -30.27
N HIS B 302 -5.86 -7.11 -29.32
CA HIS B 302 -5.35 -7.12 -27.98
C HIS B 302 -5.45 -8.48 -27.39
N GLU B 303 -6.58 -9.13 -27.62
CA GLU B 303 -6.72 -10.49 -27.21
C GLU B 303 -5.70 -11.45 -27.80
N ARG B 304 -5.39 -11.27 -29.05
CA ARG B 304 -4.35 -12.07 -29.68
C ARG B 304 -2.96 -11.81 -29.13
N LEU B 305 -2.59 -10.54 -28.95
CA LEU B 305 -1.29 -10.25 -28.26
C LEU B 305 -1.24 -10.99 -26.92
N PHE B 306 -2.31 -10.85 -26.13
CA PHE B 306 -2.30 -11.42 -24.79
C PHE B 306 -2.28 -12.94 -24.78
N ASP B 307 -2.81 -13.54 -25.83
CA ASP B 307 -2.76 -14.98 -25.92
C ASP B 307 -1.31 -15.41 -26.14
N LEU B 308 -0.62 -14.71 -27.01
CA LEU B 308 0.78 -15.04 -27.27
C LEU B 308 1.67 -14.82 -26.03
N ILE B 309 1.48 -13.69 -25.36
CA ILE B 309 2.19 -13.39 -24.13
C ILE B 309 1.96 -14.50 -23.09
N GLN B 310 0.68 -14.90 -22.92
CA GLN B 310 0.36 -15.97 -21.98
C GLN B 310 1.11 -17.25 -22.32
N LYS B 311 1.24 -17.55 -23.58
CA LYS B 311 1.96 -18.76 -23.99
C LYS B 311 3.45 -18.65 -23.81
N MET B 312 3.99 -17.43 -23.96
CA MET B 312 5.40 -17.19 -23.63
C MET B 312 5.69 -17.29 -22.13
N LEU B 313 4.69 -16.98 -21.31
CA LEU B 313 4.81 -17.00 -19.88
C LEU B 313 4.22 -18.27 -19.25
N GLU B 314 4.18 -19.34 -20.02
CA GLU B 314 4.02 -20.69 -19.51
C GLU B 314 5.20 -21.00 -18.54
N TYR B 315 4.86 -21.41 -17.34
CA TYR B 315 5.84 -21.68 -16.33
C TYR B 315 6.82 -22.79 -16.71
N ASP B 316 6.27 -23.88 -17.22
CA ASP B 316 7.08 -25.07 -17.52
C ASP B 316 7.78 -24.83 -18.84
N PRO B 317 9.11 -24.71 -18.83
CA PRO B 317 9.76 -24.45 -20.09
C PRO B 317 9.53 -25.53 -21.17
N ALA B 318 9.28 -26.77 -20.76
CA ALA B 318 9.06 -27.83 -21.74
C ALA B 318 7.74 -27.66 -22.49
N LYS B 319 6.81 -26.93 -21.92
CA LYS B 319 5.51 -26.66 -22.54
C LYS B 319 5.42 -25.30 -23.19
N ARG B 320 6.40 -24.43 -22.92
CA ARG B 320 6.35 -23.04 -23.37
C ARG B 320 6.42 -23.03 -24.90
N ILE B 321 5.71 -22.11 -25.50
CA ILE B 321 5.76 -21.93 -26.94
C ILE B 321 7.20 -21.67 -27.36
N THR B 322 7.58 -22.23 -28.50
CA THR B 322 8.86 -21.93 -29.12
C THR B 322 8.67 -20.73 -30.04
N LEU B 323 9.77 -20.13 -30.44
CA LEU B 323 9.71 -18.92 -31.26
C LEU B 323 9.29 -19.27 -32.67
N ARG B 324 9.70 -20.43 -33.12
CA ARG B 324 9.21 -20.98 -34.38
C ARG B 324 7.67 -21.02 -34.48
N GLU B 325 7.01 -21.51 -33.43
CA GLU B 325 5.54 -21.50 -33.33
C GLU B 325 5.03 -20.07 -33.13
N ALA B 326 5.75 -19.25 -32.31
CA ALA B 326 5.31 -17.90 -32.01
C ALA B 326 5.19 -17.09 -33.29
N LEU B 327 6.09 -17.35 -34.23
CA LEU B 327 6.09 -16.64 -35.50
C LEU B 327 4.85 -16.94 -36.41
N LYS B 328 4.17 -18.06 -36.15
CA LYS B 328 2.87 -18.40 -36.82
C LYS B 328 1.62 -17.99 -36.04
N HIS B 329 1.78 -17.31 -34.89
CA HIS B 329 0.66 -16.96 -34.08
C HIS B 329 -0.24 -15.92 -34.79
N PRO B 330 -1.59 -16.01 -34.61
CA PRO B 330 -2.51 -15.04 -35.27
C PRO B 330 -2.24 -13.54 -35.05
N PHE B 331 -1.64 -13.19 -33.90
CA PHE B 331 -1.18 -11.81 -33.65
C PHE B 331 -0.32 -11.23 -34.77
N PHE B 332 0.43 -12.09 -35.45
CA PHE B 332 1.22 -11.66 -36.62
C PHE B 332 0.53 -11.71 -38.01
N ASP B 333 -0.69 -12.24 -38.09
CA ASP B 333 -1.43 -12.31 -39.39
C ASP B 333 -1.46 -10.96 -40.14
N LEU B 334 -1.72 -9.87 -39.43
CA LEU B 334 -1.76 -8.55 -40.07
C LEU B 334 -0.44 -8.13 -40.74
N LEU B 335 0.69 -8.75 -40.39
CA LEU B 335 1.93 -8.50 -41.13
C LEU B 335 2.12 -9.28 -42.43
N LYS B 336 1.22 -10.22 -42.74
CA LYS B 336 1.42 -11.13 -43.83
C LYS B 336 0.50 -10.72 -44.96
N LYS B 337 0.93 -10.99 -46.19
CA LYS B 337 0.20 -10.52 -47.40
C LYS B 337 -1.17 -11.19 -47.52
N SER C 1 30.07 5.97 35.26
CA SER C 1 30.16 7.35 35.81
C SER C 1 28.77 8.02 36.09
N MET C 2 27.63 7.34 35.87
CA MET C 2 26.31 7.98 36.06
C MET C 2 26.02 8.52 37.47
N HIS C 3 26.42 7.75 38.50
CA HIS C 3 26.35 8.18 39.92
C HIS C 3 26.95 9.61 40.13
N LEU C 4 27.88 10.04 39.29
CA LEU C 4 28.55 11.36 39.46
C LEU C 4 27.67 12.54 39.01
N ILE C 5 26.61 12.25 38.25
CA ILE C 5 25.83 13.31 37.60
C ILE C 5 24.30 13.14 37.75
N CYS C 6 23.85 12.15 38.51
CA CYS C 6 22.42 11.88 38.61
C CYS C 6 21.86 12.06 40.01
N GLN C 7 22.58 12.79 40.90
CA GLN C 7 22.20 12.95 42.32
C GLN C 7 21.28 14.12 42.55
N SER C 8 20.54 14.03 43.66
CA SER C 8 19.64 15.08 44.09
C SER C 8 20.39 16.39 44.23
N GLY C 9 19.85 17.47 43.67
CA GLY C 9 20.48 18.76 43.71
C GLY C 9 21.37 19.09 42.51
N ASP C 10 21.86 18.09 41.77
CA ASP C 10 22.66 18.36 40.54
C ASP C 10 21.79 19.12 39.55
N VAL C 11 22.44 19.99 38.79
CA VAL C 11 21.81 20.74 37.70
C VAL C 11 22.29 20.21 36.34
N LEU C 12 21.35 19.89 35.45
CA LEU C 12 21.66 19.42 34.09
C LEU C 12 21.37 20.51 33.10
N SER C 13 22.28 20.70 32.15
CA SER C 13 22.11 21.65 31.05
C SER C 13 21.72 23.03 31.56
N ALA C 14 22.24 23.40 32.72
CA ALA C 14 22.05 24.74 33.31
C ALA C 14 20.59 25.12 33.55
N ARG C 15 19.76 24.12 33.86
CA ARG C 15 18.33 24.27 33.74
C ARG C 15 17.54 23.33 34.64
N TYR C 16 17.83 22.04 34.57
CA TYR C 16 17.03 20.99 35.24
C TYR C 16 17.72 20.61 36.53
N GLU C 17 17.07 20.90 37.66
CA GLU C 17 17.57 20.49 38.96
C GLU C 17 16.97 19.15 39.41
N ILE C 18 17.83 18.17 39.67
CA ILE C 18 17.40 16.85 40.03
C ILE C 18 16.75 16.86 41.41
N VAL C 19 15.54 16.28 41.49
CA VAL C 19 14.82 16.11 42.74
C VAL C 19 15.09 14.71 43.28
N ASP C 20 14.68 13.67 42.53
CA ASP C 20 14.86 12.29 42.94
C ASP C 20 14.73 11.34 41.74
N THR C 21 15.00 10.06 41.95
CA THR C 21 15.00 9.04 40.91
C THR C 21 13.60 8.52 40.79
N LEU C 22 13.09 8.51 39.57
CA LEU C 22 11.79 7.95 39.25
C LEU C 22 11.87 6.47 38.91
N GLY C 23 12.94 6.06 38.26
CA GLY C 23 13.07 4.67 37.88
C GLY C 23 14.35 4.43 37.17
N GLU C 24 14.61 3.15 36.94
CA GLU C 24 15.86 2.70 36.36
C GLU C 24 15.53 1.62 35.35
N GLY C 25 16.40 1.49 34.35
CA GLY C 25 16.33 0.37 33.42
C GLY C 25 17.73 -0.03 33.02
N ALA C 26 17.84 -0.93 32.04
CA ALA C 26 19.15 -1.33 31.53
C ALA C 26 19.92 -0.12 30.97
N PHE C 27 19.17 0.84 30.44
CA PHE C 27 19.70 2.03 29.79
C PHE C 27 20.37 3.05 30.73
N GLY C 28 20.07 3.03 32.02
CA GLY C 28 20.40 4.14 32.90
C GLY C 28 19.25 4.45 33.83
N LYS C 29 18.95 5.72 34.07
CA LYS C 29 17.87 6.03 34.99
C LYS C 29 17.06 7.19 34.57
N VAL C 30 15.89 7.35 35.22
CA VAL C 30 15.02 8.44 34.93
C VAL C 30 14.88 9.19 36.24
N VAL C 31 15.15 10.50 36.18
CA VAL C 31 15.07 11.38 37.35
C VAL C 31 14.01 12.47 37.16
N GLU C 32 13.30 12.80 38.25
CA GLU C 32 12.42 13.95 38.27
C GLU C 32 13.26 15.20 38.47
N CYS C 33 12.97 16.25 37.72
CA CYS C 33 13.73 17.48 37.77
C CYS C 33 12.79 18.65 37.80
N ILE C 34 13.26 19.72 38.43
CA ILE C 34 12.62 21.03 38.36
C ILE C 34 13.24 21.78 37.19
N ASP C 35 12.42 22.20 36.24
CA ASP C 35 12.89 22.93 35.09
C ASP C 35 12.84 24.41 35.41
N HIS C 36 14.00 24.94 35.80
CA HIS C 36 14.12 26.37 36.15
C HIS C 36 13.93 27.34 34.99
N LYS C 37 14.02 26.90 33.74
CA LYS C 37 13.67 27.76 32.59
C LYS C 37 12.24 27.61 32.08
N ALA C 38 11.43 26.72 32.64
CA ALA C 38 9.97 26.67 32.33
C ALA C 38 9.13 26.87 33.60
N GLY C 39 9.47 27.86 34.39
CA GLY C 39 8.65 28.22 35.53
C GLY C 39 8.63 27.26 36.71
N GLY C 40 9.63 26.38 36.79
CA GLY C 40 9.71 25.42 37.90
C GLY C 40 8.90 24.17 37.64
N ARG C 41 8.35 24.02 36.44
CA ARG C 41 7.62 22.80 36.06
C ARG C 41 8.49 21.56 36.31
N HIS C 42 7.88 20.52 36.87
CA HIS C 42 8.62 19.28 37.06
C HIS C 42 8.58 18.44 35.80
N VAL C 43 9.69 17.80 35.48
CA VAL C 43 9.82 16.99 34.31
C VAL C 43 10.55 15.71 34.67
N ALA C 44 10.55 14.76 33.74
CA ALA C 44 11.31 13.54 33.85
C ALA C 44 12.48 13.64 32.87
N VAL C 45 13.68 13.33 33.35
CA VAL C 45 14.81 13.26 32.49
C VAL C 45 15.37 11.84 32.53
N LYS C 46 15.47 11.26 31.36
CA LYS C 46 16.07 9.97 31.16
C LYS C 46 17.56 10.18 30.87
N ILE C 47 18.39 9.75 31.81
CA ILE C 47 19.84 9.83 31.67
C ILE C 47 20.36 8.47 31.23
N VAL C 48 20.93 8.44 30.05
CA VAL C 48 21.37 7.23 29.41
C VAL C 48 22.87 6.99 29.72
N LYS C 49 23.20 5.74 30.00
CA LYS C 49 24.58 5.30 30.16
C LYS C 49 25.44 5.69 28.98
N ASN C 50 26.69 6.03 29.28
CA ASN C 50 27.64 6.32 28.26
C ASN C 50 28.27 5.02 27.80
N VAL C 51 27.46 4.24 27.10
CA VAL C 51 27.81 2.91 26.65
C VAL C 51 27.16 2.80 25.29
N ASP C 52 27.91 2.33 24.32
CA ASP C 52 27.53 2.40 22.92
C ASP C 52 26.09 1.89 22.62
N ARG C 53 25.77 0.69 23.08
CA ARG C 53 24.48 0.04 22.84
C ARG C 53 23.32 0.94 23.31
N TYR C 54 23.47 1.55 24.48
CA TYR C 54 22.45 2.41 25.01
C TYR C 54 22.41 3.81 24.39
N CYS C 55 23.56 4.36 24.06
CA CYS C 55 23.58 5.60 23.27
C CYS C 55 22.84 5.43 21.94
N GLU C 56 23.10 4.31 21.29
CA GLU C 56 22.49 4.01 19.99
C GLU C 56 20.97 3.88 20.10
N ALA C 57 20.50 3.13 21.11
CA ALA C 57 19.07 3.02 21.41
C ALA C 57 18.45 4.38 21.71
N ALA C 58 19.18 5.21 22.46
CA ALA C 58 18.67 6.53 22.81
C ALA C 58 18.50 7.42 21.57
N ARG C 59 19.47 7.37 20.65
CA ARG C 59 19.34 8.12 19.41
C ARG C 59 18.13 7.65 18.58
N SER C 60 17.93 6.33 18.51
CA SER C 60 16.77 5.75 17.83
C SER C 60 15.45 6.19 18.48
N GLU C 61 15.42 6.16 19.82
CA GLU C 61 14.23 6.59 20.54
C GLU C 61 13.87 8.03 20.27
N ILE C 62 14.89 8.90 20.28
CA ILE C 62 14.71 10.34 19.93
C ILE C 62 14.11 10.50 18.52
N GLN C 63 14.63 9.77 17.53
CA GLN C 63 14.01 9.81 16.18
C GLN C 63 12.55 9.35 16.18
N VAL C 64 12.26 8.21 16.82
CA VAL C 64 10.84 7.73 16.88
C VAL C 64 9.96 8.79 17.55
N LEU C 65 10.43 9.36 18.66
CA LEU C 65 9.62 10.35 19.38
C LEU C 65 9.40 11.67 18.67
N GLU C 66 10.39 12.12 17.91
CA GLU C 66 10.19 13.29 17.05
C GLU C 66 9.04 13.02 16.05
N HIS C 67 9.04 11.82 15.48
CA HIS C 67 8.00 11.40 14.54
C HIS C 67 6.64 11.33 15.24
N LEU C 68 6.54 10.59 16.33
CA LEU C 68 5.25 10.39 17.01
C LEU C 68 4.70 11.67 17.58
N ASN C 69 5.57 12.48 18.16
CA ASN C 69 5.10 13.73 18.80
C ASN C 69 4.71 14.79 17.74
N THR C 70 5.32 14.72 16.54
CA THR C 70 4.88 15.50 15.38
C THR C 70 3.52 15.00 14.78
N THR C 71 3.39 13.69 14.59
CA THR C 71 2.17 13.12 14.07
C THR C 71 0.99 13.32 15.05
N ASP C 72 1.26 13.30 16.36
CA ASP C 72 0.21 13.36 17.39
C ASP C 72 0.62 14.37 18.46
N PRO C 73 0.69 15.68 18.09
CA PRO C 73 1.18 16.73 19.01
C PRO C 73 0.40 16.85 20.33
N ASN C 74 -0.87 16.50 20.34
CA ASN C 74 -1.65 16.51 21.59
C ASN C 74 -1.65 15.21 22.39
N SER C 75 -0.90 14.20 21.97
CA SER C 75 -0.86 12.90 22.65
C SER C 75 -2.27 12.29 22.81
N THR C 76 -3.07 12.44 21.77
CA THR C 76 -4.35 11.74 21.69
C THR C 76 -4.16 10.24 21.82
N PHE C 77 -3.08 9.72 21.26
CA PHE C 77 -2.79 8.28 21.34
C PHE C 77 -1.86 7.85 22.49
N ARG C 78 -1.65 8.75 23.43
CA ARG C 78 -1.07 8.41 24.71
C ARG C 78 0.38 7.89 24.67
N CYS C 79 1.18 8.29 23.69
CA CYS C 79 2.62 8.12 23.76
C CYS C 79 3.23 9.27 24.56
N VAL C 80 4.20 8.94 25.42
CA VAL C 80 4.85 9.96 26.21
C VAL C 80 5.43 11.10 25.33
N GLN C 81 5.24 12.32 25.79
CA GLN C 81 5.72 13.53 25.12
C GLN C 81 7.20 13.75 25.47
N MET C 82 8.07 13.76 24.46
CA MET C 82 9.46 14.18 24.63
C MET C 82 9.53 15.69 24.49
N LEU C 83 10.14 16.37 25.45
CA LEU C 83 10.22 17.85 25.41
C LEU C 83 11.49 18.38 24.74
N GLU C 84 12.62 17.73 25.00
CA GLU C 84 13.88 17.99 24.28
C GLU C 84 14.89 16.91 24.68
N TRP C 85 16.08 16.98 24.13
CA TRP C 85 17.16 16.15 24.55
C TRP C 85 18.46 16.98 24.52
N PHE C 86 19.47 16.56 25.29
CA PHE C 86 20.78 17.24 25.33
C PHE C 86 21.78 16.21 25.80
N GLU C 87 23.03 16.62 25.81
CA GLU C 87 24.11 15.78 26.26
C GLU C 87 24.73 16.43 27.50
N HIS C 88 25.07 15.60 28.47
CA HIS C 88 25.60 16.08 29.75
C HIS C 88 26.71 15.15 30.23
N HIS C 89 27.93 15.69 30.19
CA HIS C 89 29.13 14.94 30.50
C HIS C 89 29.17 13.61 29.74
N GLY C 90 28.92 13.66 28.45
CA GLY C 90 28.92 12.47 27.62
C GLY C 90 27.71 11.57 27.75
N HIS C 91 26.67 11.98 28.50
CA HIS C 91 25.43 11.18 28.62
C HIS C 91 24.34 11.82 27.80
N ILE C 92 23.65 11.02 26.99
CA ILE C 92 22.43 11.50 26.37
C ILE C 92 21.35 11.59 27.42
N CYS C 93 20.66 12.73 27.45
CA CYS C 93 19.59 12.96 28.38
C CYS C 93 18.35 13.33 27.57
N ILE C 94 17.25 12.64 27.80
CA ILE C 94 15.99 12.93 27.14
C ILE C 94 15.00 13.44 28.17
N VAL C 95 14.40 14.59 27.89
CA VAL C 95 13.46 15.24 28.79
C VAL C 95 12.05 14.87 28.34
N PHE C 96 11.22 14.41 29.28
CA PHE C 96 9.88 13.98 29.03
C PHE C 96 8.96 14.70 29.99
N GLU C 97 7.68 14.81 29.59
CA GLU C 97 6.64 15.15 30.54
C GLU C 97 6.70 14.21 31.74
N LEU C 98 6.43 14.74 32.93
CA LEU C 98 6.44 13.93 34.13
C LEU C 98 5.17 13.09 34.24
N LEU C 99 5.34 11.79 34.39
CA LEU C 99 4.22 10.88 34.58
C LEU C 99 4.29 10.31 36.02
N GLY C 100 3.31 9.49 36.41
CA GLY C 100 3.32 8.83 37.72
C GLY C 100 4.04 7.48 37.68
N LEU C 101 3.73 6.65 38.67
CA LEU C 101 4.26 5.28 38.77
C LEU C 101 3.95 4.44 37.53
N SER C 102 4.85 3.53 37.20
CA SER C 102 4.57 2.51 36.19
C SER C 102 3.51 1.58 36.77
N THR C 103 2.84 0.90 35.89
CA THR C 103 1.83 -0.06 36.33
C THR C 103 2.52 -1.18 37.06
N TYR C 104 3.78 -1.49 36.68
CA TYR C 104 4.56 -2.45 37.44
C TYR C 104 4.80 -1.97 38.89
N ASP C 105 5.26 -0.73 39.06
CA ASP C 105 5.54 -0.25 40.39
C ASP C 105 4.30 -0.17 41.25
N PHE C 106 3.19 0.23 40.67
CA PHE C 106 1.97 0.32 41.41
C PHE C 106 1.60 -1.08 41.93
N ILE C 107 1.71 -2.10 41.09
CA ILE C 107 1.42 -3.46 41.53
C ILE C 107 2.38 -3.94 42.61
N LYS C 108 3.66 -3.73 42.38
CA LYS C 108 4.69 -4.03 43.36
C LYS C 108 4.43 -3.38 44.70
N GLU C 109 4.19 -2.06 44.68
CA GLU C 109 3.99 -1.33 45.92
C GLU C 109 2.69 -1.67 46.64
N ASN C 110 1.72 -2.23 45.91
CA ASN C 110 0.48 -2.66 46.50
C ASN C 110 0.55 -4.16 46.88
N GLY C 111 1.77 -4.69 47.04
CA GLY C 111 1.95 -6.08 47.50
C GLY C 111 1.62 -7.17 46.46
N PHE C 112 1.81 -6.85 45.18
CA PHE C 112 1.55 -7.73 44.08
C PHE C 112 0.07 -8.21 44.08
N LEU C 113 -0.84 -7.26 44.32
CA LEU C 113 -2.26 -7.43 44.18
C LEU C 113 -2.66 -6.96 42.78
N PRO C 114 -3.69 -7.57 42.21
CA PRO C 114 -4.10 -7.14 40.87
C PRO C 114 -4.84 -5.81 40.85
N PHE C 115 -5.05 -5.27 39.66
CA PHE C 115 -6.00 -4.17 39.47
C PHE C 115 -7.46 -4.67 39.45
N ARG C 116 -8.38 -3.82 39.82
CA ARG C 116 -9.77 -4.18 39.71
C ARG C 116 -10.22 -4.05 38.23
N LEU C 117 -11.21 -4.85 37.89
CA LEU C 117 -11.57 -5.12 36.49
C LEU C 117 -11.97 -3.89 35.69
N ASP C 118 -12.73 -2.98 36.29
CA ASP C 118 -13.09 -1.72 35.61
CA ASP C 118 -13.11 -1.73 35.59
C ASP C 118 -11.85 -0.87 35.25
N HIS C 119 -10.85 -0.87 36.12
CA HIS C 119 -9.55 -0.22 35.76
C HIS C 119 -8.78 -0.97 34.69
N ILE C 120 -8.79 -2.30 34.75
CA ILE C 120 -8.14 -3.09 33.72
C ILE C 120 -8.79 -2.78 32.37
N ARG C 121 -10.13 -2.70 32.34
CA ARG C 121 -10.82 -2.34 31.11
C ARG C 121 -10.36 -1.00 30.50
N LYS C 122 -10.36 0.06 31.32
CA LYS C 122 -9.87 1.37 30.85
C LYS C 122 -8.42 1.34 30.40
N MET C 123 -7.57 0.67 31.20
CA MET C 123 -6.14 0.64 30.88
C MET C 123 -5.89 -0.16 29.62
N ALA C 124 -6.54 -1.32 29.49
CA ALA C 124 -6.42 -2.15 28.31
C ALA C 124 -6.84 -1.38 27.05
N TYR C 125 -7.95 -0.65 27.15
CA TYR C 125 -8.44 0.10 26.01
C TYR C 125 -7.38 1.13 25.58
N GLN C 126 -6.91 1.89 26.54
CA GLN C 126 -5.88 2.90 26.22
C GLN C 126 -4.57 2.32 25.67
N ILE C 127 -4.12 1.19 26.22
CA ILE C 127 -2.90 0.50 25.73
C ILE C 127 -3.12 0.07 24.25
N CYS C 128 -4.27 -0.53 23.96
CA CYS C 128 -4.56 -1.02 22.62
C CYS C 128 -4.63 0.13 21.66
N LYS C 129 -5.29 1.20 22.06
CA LYS C 129 -5.39 2.37 21.23
C LYS C 129 -3.99 3.01 20.94
N SER C 130 -3.17 3.07 21.97
CA SER C 130 -1.86 3.72 21.83
C SER C 130 -0.96 2.91 20.91
N VAL C 131 -0.94 1.62 21.16
CA VAL C 131 -0.08 0.75 20.41
C VAL C 131 -0.63 0.57 19.00
N ASN C 132 -1.96 0.60 18.86
CA ASN C 132 -2.56 0.55 17.53
C ASN C 132 -2.09 1.73 16.67
N PHE C 133 -1.96 2.91 17.29
CA PHE C 133 -1.45 4.10 16.66
C PHE C 133 -0.04 3.87 16.13
N LEU C 134 0.79 3.22 16.92
CA LEU C 134 2.11 2.85 16.48
C LEU C 134 2.01 1.91 15.30
N HIS C 135 1.18 0.86 15.45
CA HIS C 135 0.92 -0.09 14.35
C HIS C 135 0.37 0.55 13.06
N SER C 136 -0.45 1.60 13.20
CA SER C 136 -0.87 2.42 12.05
C SER C 136 0.23 3.27 11.42
N ASN C 137 1.32 3.49 12.12
CA ASN C 137 2.45 4.28 11.59
C ASN C 137 3.67 3.45 11.32
N LYS C 138 3.42 2.20 10.91
CA LYS C 138 4.45 1.26 10.51
C LYS C 138 5.52 0.99 11.58
N LEU C 139 5.11 1.03 12.83
CA LEU C 139 6.00 0.75 13.95
C LEU C 139 5.52 -0.44 14.78
N THR C 140 6.51 -1.19 15.29
CA THR C 140 6.33 -2.20 16.36
C THR C 140 7.19 -1.77 17.56
N HIS C 141 6.59 -1.74 18.75
CA HIS C 141 7.23 -1.30 19.97
C HIS C 141 8.31 -2.31 20.36
N THR C 142 7.90 -3.58 20.42
CA THR C 142 8.73 -4.76 20.75
C THR C 142 9.08 -4.95 22.24
N ASP C 143 8.81 -3.99 23.08
CA ASP C 143 9.23 -4.04 24.47
C ASP C 143 8.10 -3.58 25.40
N LEU C 144 6.88 -4.03 25.12
CA LEU C 144 5.77 -3.69 25.98
C LEU C 144 5.80 -4.58 27.19
N LYS C 145 5.60 -3.95 28.33
CA LYS C 145 5.60 -4.65 29.60
C LYS C 145 5.08 -3.64 30.63
N PRO C 146 4.77 -4.08 31.85
CA PRO C 146 4.12 -3.16 32.75
C PRO C 146 4.98 -1.98 33.21
N GLU C 147 6.31 -2.14 33.16
CA GLU C 147 7.24 -1.05 33.44
C GLU C 147 7.19 0.05 32.41
N ASN C 148 6.68 -0.27 31.20
CA ASN C 148 6.59 0.68 30.15
C ASN C 148 5.18 1.21 29.91
N ILE C 149 4.27 0.95 30.85
CA ILE C 149 2.99 1.59 30.88
C ILE C 149 2.93 2.35 32.16
N LEU C 150 2.71 3.66 32.08
CA LEU C 150 2.78 4.55 33.23
C LEU C 150 1.47 5.24 33.40
N PHE C 151 1.04 5.37 34.66
CA PHE C 151 -0.12 6.19 34.96
C PHE C 151 0.22 7.62 34.76
N VAL C 152 -0.72 8.36 34.17
CA VAL C 152 -0.60 9.81 34.06
C VAL C 152 -0.49 10.43 35.47
N GLN C 153 -1.34 9.97 36.38
CA GLN C 153 -1.24 10.28 37.81
C GLN C 153 -1.46 9.01 38.58
N SER C 154 -0.52 8.65 39.45
CA SER C 154 -0.64 7.40 40.22
C SER C 154 -1.21 7.65 41.64
N ASP C 155 -1.83 8.81 41.84
CA ASP C 155 -2.46 9.17 43.10
C ASP C 155 -3.58 8.16 43.46
N TYR C 156 -3.69 7.85 44.74
CA TYR C 156 -4.58 6.80 45.22
C TYR C 156 -5.25 7.23 46.51
N THR C 157 -6.36 6.60 46.83
CA THR C 157 -6.94 6.66 48.15
C THR C 157 -6.59 5.35 48.85
N GLU C 158 -6.59 5.39 50.17
CA GLU C 158 -6.14 4.27 50.97
C GLU C 158 -7.19 3.98 52.04
N ALA C 159 -7.79 2.80 51.96
CA ALA C 159 -8.81 2.37 52.91
C ALA C 159 -8.47 0.97 53.40
N TYR C 160 -8.97 0.63 54.59
CA TYR C 160 -8.91 -0.73 55.08
C TYR C 160 -9.90 -1.56 54.26
N ASN C 161 -9.47 -2.71 53.80
CA ASN C 161 -10.32 -3.61 53.04
C ASN C 161 -10.63 -4.85 53.89
N PRO C 162 -11.86 -4.93 54.46
CA PRO C 162 -12.24 -6.11 55.29
C PRO C 162 -12.01 -7.45 54.60
N LYS C 163 -12.26 -7.49 53.29
CA LYS C 163 -12.13 -8.73 52.49
C LYS C 163 -10.68 -9.27 52.42
N ILE C 164 -9.70 -8.39 52.28
CA ILE C 164 -8.28 -8.79 52.22
C ILE C 164 -7.57 -8.59 53.56
N LYS C 165 -8.28 -8.03 54.56
CA LYS C 165 -7.75 -7.78 55.92
C LYS C 165 -6.46 -6.93 55.95
N ARG C 166 -6.28 -6.07 54.96
CA ARG C 166 -5.15 -5.15 54.93
C ARG C 166 -5.59 -3.84 54.26
N ASP C 167 -4.83 -2.77 54.50
CA ASP C 167 -5.06 -1.51 53.78
C ASP C 167 -4.74 -1.69 52.30
N GLU C 168 -5.50 -1.01 51.46
CA GLU C 168 -5.38 -1.18 50.00
C GLU C 168 -5.32 0.15 49.37
N ARG C 169 -4.42 0.27 48.39
CA ARG C 169 -4.29 1.46 47.60
C ARG C 169 -5.28 1.31 46.46
N THR C 170 -6.18 2.27 46.33
CA THR C 170 -7.06 2.34 45.20
C THR C 170 -6.76 3.54 44.35
N LEU C 171 -6.57 3.26 43.08
CA LEU C 171 -6.15 4.21 42.12
C LEU C 171 -7.29 5.19 41.84
N ILE C 172 -6.98 6.49 41.84
CA ILE C 172 -7.99 7.53 41.58
C ILE C 172 -8.27 7.64 40.09
N ASN C 173 -7.23 7.84 39.29
CA ASN C 173 -7.37 7.91 37.84
C ASN C 173 -6.49 6.87 37.18
N PRO C 174 -7.12 5.88 36.50
CA PRO C 174 -6.32 4.85 35.85
C PRO C 174 -5.75 5.21 34.46
N ASP C 175 -5.86 6.44 33.97
CA ASP C 175 -5.29 6.81 32.63
C ASP C 175 -3.78 6.52 32.53
N ILE C 176 -3.34 6.05 31.35
CA ILE C 176 -1.96 5.65 31.12
C ILE C 176 -1.35 6.27 29.88
N LYS C 177 -0.02 6.17 29.81
CA LYS C 177 0.73 6.44 28.59
C LYS C 177 1.75 5.34 28.39
N VAL C 178 2.19 5.21 27.15
CA VAL C 178 3.18 4.26 26.79
C VAL C 178 4.55 4.95 26.72
N VAL C 179 5.57 4.31 27.25
CA VAL C 179 6.97 4.86 27.19
C VAL C 179 7.94 3.83 26.63
N ASP C 180 9.18 4.30 26.46
CA ASP C 180 10.32 3.52 26.03
C ASP C 180 10.27 3.04 24.60
N PHE C 181 10.71 3.94 23.73
CA PHE C 181 10.72 3.72 22.31
C PHE C 181 12.13 3.43 21.78
N GLY C 182 12.98 2.91 22.67
CA GLY C 182 14.38 2.60 22.35
C GLY C 182 14.55 1.34 21.50
N SER C 183 13.54 0.47 21.46
CA SER C 183 13.58 -0.75 20.64
C SER C 183 12.61 -0.70 19.48
N ALA C 184 11.81 0.36 19.41
CA ALA C 184 10.69 0.43 18.43
C ALA C 184 11.25 0.38 17.01
N THR C 185 10.66 -0.43 16.13
CA THR C 185 11.27 -0.78 14.84
C THR C 185 10.26 -0.53 13.73
N TYR C 186 10.69 0.16 12.70
CA TYR C 186 9.85 0.46 11.54
C TYR C 186 9.75 -0.80 10.68
N ASP C 187 8.64 -0.92 9.96
CA ASP C 187 8.43 -2.00 9.02
C ASP C 187 9.59 -2.18 8.03
N ASP C 188 10.11 -1.07 7.51
CA ASP C 188 11.15 -1.14 6.47
C ASP C 188 12.58 -1.37 7.03
N GLU C 189 12.73 -1.52 8.33
CA GLU C 189 14.04 -1.60 8.96
C GLU C 189 14.43 -3.06 9.04
N HIS C 190 15.73 -3.40 9.01
CA HIS C 190 16.16 -4.80 9.24
C HIS C 190 15.79 -5.16 10.73
N HIS C 191 15.05 -6.25 10.90
CA HIS C 191 14.55 -6.72 12.23
C HIS C 191 15.60 -7.66 12.81
N SER C 192 16.15 -7.39 13.98
CA SER C 192 17.03 -8.39 14.62
C SER C 192 16.27 -9.69 14.94
N THR C 193 17.02 -10.78 15.02
CA THR C 193 16.49 -12.04 15.54
C THR C 193 16.17 -12.07 17.07
N LEU C 194 17.08 -11.61 17.95
CA LEU C 194 16.72 -11.46 19.40
C LEU C 194 15.76 -10.24 19.63
N VAL C 195 14.65 -10.40 20.38
CA VAL C 195 13.75 -9.21 20.67
C VAL C 195 12.82 -9.36 21.91
N SER C 196 12.58 -8.23 22.64
CA SER C 196 11.56 -8.06 23.72
C SER C 196 12.07 -8.65 25.07
N THR C 197 11.68 -8.04 26.21
CA THR C 197 12.00 -8.58 27.60
C THR C 197 11.45 -9.96 27.71
N ARG C 198 12.26 -10.86 28.23
CA ARG C 198 12.03 -12.22 27.91
C ARG C 198 10.63 -12.70 28.33
N HIS C 199 9.99 -12.17 29.41
CA HIS C 199 8.66 -12.66 29.86
C HIS C 199 7.49 -12.26 28.88
N TYR C 200 7.69 -11.24 28.05
CA TYR C 200 6.63 -10.71 27.19
C TYR C 200 6.95 -10.98 25.73
N ARG C 201 7.89 -11.88 25.49
CA ARG C 201 8.30 -12.26 24.16
C ARG C 201 7.34 -13.27 23.51
N ALA C 202 6.97 -13.01 22.28
CA ALA C 202 6.01 -13.85 21.52
C ALA C 202 6.66 -15.15 21.03
N PRO C 203 5.84 -16.21 20.82
CA PRO C 203 6.41 -17.46 20.29
C PRO C 203 7.17 -17.35 18.97
N GLU C 204 6.70 -16.54 18.04
CA GLU C 204 7.44 -16.33 16.77
C GLU C 204 8.84 -15.68 16.94
N VAL C 205 8.99 -14.92 18.03
CA VAL C 205 10.30 -14.34 18.39
C VAL C 205 11.19 -15.44 18.98
N ILE C 206 10.70 -16.18 19.95
CA ILE C 206 11.47 -17.27 20.54
C ILE C 206 11.92 -18.29 19.47
N LEU C 207 11.05 -18.58 18.50
CA LEU C 207 11.34 -19.61 17.48
C LEU C 207 12.01 -19.01 16.24
N ALA C 208 12.31 -17.70 16.28
CA ALA C 208 13.02 -17.02 15.22
C ALA C 208 12.34 -17.21 13.87
N LEU C 209 11.03 -17.02 13.84
CA LEU C 209 10.22 -17.19 12.62
C LEU C 209 9.95 -15.85 11.94
N GLY C 210 10.56 -14.77 12.44
CA GLY C 210 10.27 -13.42 11.99
C GLY C 210 9.18 -12.84 12.86
N TRP C 211 9.17 -11.52 13.00
CA TRP C 211 8.15 -10.84 13.76
C TRP C 211 7.80 -9.50 13.16
N SER C 212 6.66 -8.96 13.60
CA SER C 212 6.26 -7.62 13.27
C SER C 212 5.19 -7.20 14.30
N GLN C 213 4.20 -6.40 13.90
CA GLN C 213 3.21 -5.87 14.83
C GLN C 213 2.56 -6.93 15.75
N PRO C 214 2.28 -8.12 15.22
CA PRO C 214 1.62 -9.08 16.11
C PRO C 214 2.39 -9.42 17.39
N CYS C 215 3.73 -9.33 17.38
CA CYS C 215 4.47 -9.64 18.62
C CYS C 215 4.12 -8.68 19.76
N ASP C 216 3.73 -7.44 19.44
CA ASP C 216 3.19 -6.51 20.42
C ASP C 216 1.88 -7.00 21.05
N VAL C 217 1.03 -7.59 20.21
CA VAL C 217 -0.30 -8.00 20.69
C VAL C 217 -0.12 -9.08 21.71
N TRP C 218 0.77 -10.02 21.39
CA TRP C 218 1.17 -11.05 22.38
C TRP C 218 1.58 -10.42 23.71
N SER C 219 2.47 -9.44 23.64
CA SER C 219 2.92 -8.78 24.83
C SER C 219 1.79 -8.19 25.61
N ILE C 220 0.86 -7.57 24.90
CA ILE C 220 -0.29 -6.93 25.58
C ILE C 220 -1.14 -7.98 26.30
N GLY C 221 -1.33 -9.13 25.67
CA GLY C 221 -2.05 -10.21 26.32
C GLY C 221 -1.40 -10.63 27.62
N CYS C 222 -0.08 -10.75 27.60
CA CYS C 222 0.67 -11.06 28.85
C CYS C 222 0.48 -9.98 29.89
N ILE C 223 0.50 -8.73 29.45
CA ILE C 223 0.31 -7.60 30.36
C ILE C 223 -1.07 -7.69 31.03
N LEU C 224 -2.11 -7.92 30.22
CA LEU C 224 -3.48 -7.88 30.78
C LEU C 224 -3.69 -8.94 31.81
N ILE C 225 -3.19 -10.13 31.53
CA ILE C 225 -3.33 -11.22 32.47
C ILE C 225 -2.54 -10.94 33.78
N GLU C 226 -1.40 -10.26 33.67
CA GLU C 226 -0.65 -9.80 34.86
CA GLU C 226 -0.68 -9.84 34.85
C GLU C 226 -1.44 -8.77 35.62
N TYR C 227 -2.11 -7.87 34.92
CA TYR C 227 -2.93 -6.91 35.63
C TYR C 227 -4.08 -7.60 36.38
N TYR C 228 -4.59 -8.70 35.82
CA TYR C 228 -5.73 -9.39 36.35
C TYR C 228 -5.31 -10.21 37.58
N LEU C 229 -4.14 -10.83 37.51
CA LEU C 229 -3.66 -11.71 38.55
C LEU C 229 -2.72 -11.07 39.58
N GLY C 230 -1.99 -10.03 39.16
CA GLY C 230 -1.01 -9.38 40.01
C GLY C 230 0.37 -9.96 39.94
N PHE C 231 0.57 -10.96 39.11
CA PHE C 231 1.87 -11.54 38.95
C PHE C 231 2.09 -11.91 37.50
N THR C 232 3.36 -12.17 37.21
CA THR C 232 3.88 -12.51 35.89
C THR C 232 3.45 -13.92 35.52
N VAL C 233 2.99 -14.11 34.32
CA VAL C 233 2.44 -15.43 33.97
C VAL C 233 3.57 -16.35 33.44
N PHE C 234 4.67 -15.75 32.98
CA PHE C 234 5.79 -16.53 32.42
C PHE C 234 7.05 -16.17 33.18
N PRO C 235 7.13 -16.55 34.47
CA PRO C 235 8.31 -16.15 35.25
C PRO C 235 9.44 -17.13 35.03
N THR C 236 10.17 -16.95 33.95
CA THR C 236 11.37 -17.78 33.66
C THR C 236 12.33 -16.90 32.88
N HIS C 237 13.60 -17.26 32.79
CA HIS C 237 14.48 -16.69 31.74
C HIS C 237 14.95 -17.73 30.72
N ASP C 238 14.55 -18.99 30.88
CA ASP C 238 14.94 -20.03 29.96
C ASP C 238 13.88 -20.16 28.85
N SER C 239 14.32 -20.19 27.58
CA SER C 239 13.42 -20.22 26.44
C SER C 239 12.58 -21.46 26.35
N LYS C 240 13.21 -22.60 26.60
CA LYS C 240 12.54 -23.88 26.49
C LYS C 240 11.47 -23.97 27.57
N GLU C 241 11.83 -23.55 28.78
CA GLU C 241 10.88 -23.52 29.89
C GLU C 241 9.69 -22.58 29.60
N HIS C 242 10.00 -21.47 28.96
CA HIS C 242 9.00 -20.51 28.56
C HIS C 242 8.00 -21.19 27.60
N LEU C 243 8.53 -21.97 26.67
CA LEU C 243 7.69 -22.67 25.74
C LEU C 243 6.86 -23.74 26.45
N ALA C 244 7.45 -24.39 27.44
CA ALA C 244 6.71 -25.37 28.24
C ALA C 244 5.58 -24.71 29.00
N MET C 245 5.83 -23.51 29.51
CA MET C 245 4.81 -22.74 30.20
C MET C 245 3.66 -22.38 29.25
N MET C 246 4.02 -21.92 28.06
CA MET C 246 3.02 -21.62 27.04
C MET C 246 2.14 -22.83 26.77
N GLU C 247 2.75 -24.00 26.62
CA GLU C 247 2.01 -25.21 26.31
C GLU C 247 1.07 -25.56 27.42
N ARG C 248 1.51 -25.39 28.67
CA ARG C 248 0.69 -25.71 29.81
C ARG C 248 -0.51 -24.79 29.85
N ILE C 249 -0.33 -23.54 29.46
CA ILE C 249 -1.40 -22.56 29.57
C ILE C 249 -2.30 -22.50 28.34
N LEU C 250 -1.72 -22.71 27.18
CA LEU C 250 -2.40 -22.46 25.92
C LEU C 250 -2.56 -23.70 25.05
N GLY C 251 -1.99 -24.83 25.47
CA GLY C 251 -1.99 -26.02 24.64
C GLY C 251 -0.77 -26.08 23.74
N PRO C 252 -0.63 -27.17 22.99
CA PRO C 252 0.59 -27.40 22.22
C PRO C 252 0.76 -26.39 21.10
N LEU C 253 2.00 -26.12 20.74
CA LEU C 253 2.28 -25.17 19.66
C LEU C 253 1.77 -25.70 18.32
N PRO C 254 1.44 -24.82 17.40
CA PRO C 254 1.08 -25.32 16.06
C PRO C 254 2.22 -26.08 15.41
N LYS C 255 1.89 -27.22 14.82
CA LYS C 255 2.86 -28.10 14.19
C LYS C 255 3.63 -27.35 13.10
N HIS C 256 2.94 -26.51 12.34
CA HIS C 256 3.56 -25.80 11.24
C HIS C 256 4.62 -24.80 11.70
N MET C 257 4.45 -24.22 12.89
CA MET C 257 5.50 -23.33 13.45
C MET C 257 6.66 -24.16 13.96
N ILE C 258 6.36 -25.32 14.57
CA ILE C 258 7.42 -26.23 15.02
C ILE C 258 8.23 -26.71 13.81
N GLN C 259 7.54 -27.08 12.73
CA GLN C 259 8.23 -27.52 11.52
C GLN C 259 9.12 -26.44 10.90
N LYS C 260 8.69 -25.19 10.98
CA LYS C 260 9.36 -24.15 10.25
C LYS C 260 10.55 -23.52 11.02
N THR C 261 10.62 -23.72 12.34
CA THR C 261 11.65 -23.07 13.12
C THR C 261 12.99 -23.70 12.81
N ARG C 262 14.03 -22.88 12.86
CA ARG C 262 15.41 -23.40 12.83
C ARG C 262 15.90 -23.81 14.22
N LYS C 263 15.19 -23.39 15.27
CA LYS C 263 15.60 -23.70 16.64
C LYS C 263 15.23 -25.16 16.96
N ARG C 264 15.93 -26.09 16.30
CA ARG C 264 15.65 -27.54 16.41
C ARG C 264 15.89 -28.05 17.83
N LYS C 265 16.87 -27.45 18.52
CA LYS C 265 17.20 -27.79 19.89
C LYS C 265 16.01 -27.95 20.87
N TYR C 266 14.97 -27.15 20.69
CA TYR C 266 13.84 -27.19 21.60
C TYR C 266 12.92 -28.42 21.40
N PHE C 267 13.06 -29.12 20.28
CA PHE C 267 12.08 -30.14 19.88
C PHE C 267 12.64 -31.53 19.64
N HIS C 268 11.72 -32.50 19.58
CA HIS C 268 12.05 -33.92 19.32
C HIS C 268 10.79 -34.60 18.83
N HIS C 269 10.83 -35.15 17.62
CA HIS C 269 9.66 -35.67 16.90
C HIS C 269 8.55 -34.60 16.82
N ASP C 270 8.93 -33.37 16.45
CA ASP C 270 8.00 -32.22 16.37
C ASP C 270 7.09 -32.05 17.61
N ARG C 271 7.66 -32.35 18.78
CA ARG C 271 7.05 -32.07 20.08
C ARG C 271 8.13 -31.39 20.92
N LEU C 272 7.71 -30.57 21.85
CA LEU C 272 8.65 -29.87 22.72
C LEU C 272 9.41 -30.88 23.55
N ASP C 273 10.73 -30.77 23.54
CA ASP C 273 11.63 -31.67 24.26
C ASP C 273 11.71 -31.31 25.73
N TRP C 274 10.65 -31.67 26.45
CA TRP C 274 10.40 -31.21 27.81
C TRP C 274 9.94 -32.37 28.69
N ASP C 275 10.72 -32.69 29.70
CA ASP C 275 10.32 -33.71 30.69
C ASP C 275 9.45 -33.08 31.77
N GLU C 276 8.14 -33.32 31.69
CA GLU C 276 7.16 -32.86 32.68
C GLU C 276 7.44 -33.36 34.10
N HIS C 277 8.14 -34.48 34.20
CA HIS C 277 8.46 -35.13 35.48
C HIS C 277 9.84 -34.76 36.06
N SER C 278 10.64 -33.96 35.33
CA SER C 278 11.86 -33.36 35.91
C SER C 278 11.46 -32.37 36.99
N SER C 279 12.42 -31.87 37.77
CA SER C 279 12.09 -30.90 38.81
C SER C 279 11.58 -29.61 38.17
N ALA C 280 12.25 -29.17 37.10
CA ALA C 280 11.80 -28.01 36.31
C ALA C 280 10.41 -28.21 35.71
N GLY C 281 10.16 -29.41 35.22
CA GLY C 281 8.84 -29.77 34.70
C GLY C 281 7.74 -29.71 35.75
N ARG C 282 8.02 -30.22 36.94
CA ARG C 282 7.05 -30.17 38.05
C ARG C 282 6.78 -28.73 38.52
N TYR C 283 7.81 -27.87 38.49
CA TYR C 283 7.65 -26.41 38.71
C TYR C 283 6.68 -25.81 37.67
N VAL C 284 6.88 -26.10 36.40
CA VAL C 284 5.96 -25.59 35.36
C VAL C 284 4.55 -26.05 35.55
N SER C 285 4.37 -27.32 35.86
CA SER C 285 3.03 -27.88 36.11
C SER C 285 2.32 -27.19 37.25
N ARG C 286 3.05 -26.74 38.27
CA ARG C 286 2.42 -26.10 39.44
C ARG C 286 2.29 -24.60 39.24
N ALA C 287 3.22 -24.01 38.50
CA ALA C 287 3.21 -22.54 38.23
C ALA C 287 2.23 -22.18 37.09
N CYS C 288 1.93 -23.16 36.26
CA CYS C 288 1.04 -22.96 35.16
C CYS C 288 -0.14 -23.91 35.03
N LYS C 289 -1.18 -23.41 34.39
CA LYS C 289 -2.36 -24.20 34.12
C LYS C 289 -3.13 -23.60 32.95
N PRO C 290 -4.09 -24.35 32.39
CA PRO C 290 -4.86 -23.78 31.27
C PRO C 290 -5.42 -22.40 31.56
N LEU C 291 -5.33 -21.54 30.56
CA LEU C 291 -5.62 -20.12 30.71
C LEU C 291 -6.89 -19.83 31.50
N LYS C 292 -7.99 -20.50 31.13
CA LYS C 292 -9.29 -20.19 31.73
C LYS C 292 -9.36 -20.56 33.22
N GLU C 293 -8.50 -21.47 33.67
CA GLU C 293 -8.47 -21.82 35.09
C GLU C 293 -7.94 -20.71 35.96
N PHE C 294 -7.33 -19.68 35.37
CA PHE C 294 -6.88 -18.50 36.14
C PHE C 294 -8.01 -17.55 36.50
N MET C 295 -9.19 -17.75 35.90
CA MET C 295 -10.28 -16.80 36.11
C MET C 295 -10.69 -16.80 37.54
N LEU C 296 -10.90 -15.62 38.11
CA LEU C 296 -11.28 -15.46 39.52
C LEU C 296 -12.80 -15.42 39.70
N SER C 297 -13.53 -15.36 38.60
CA SER C 297 -15.02 -15.34 38.63
C SER C 297 -15.48 -15.82 37.29
N GLN C 298 -16.71 -16.33 37.27
CA GLN C 298 -17.36 -16.73 36.05
C GLN C 298 -18.24 -15.63 35.48
N ASP C 299 -18.35 -14.50 36.14
CA ASP C 299 -19.19 -13.42 35.61
CA ASP C 299 -19.12 -13.33 35.64
C ASP C 299 -18.74 -13.00 34.18
N VAL C 300 -19.71 -12.51 33.42
CA VAL C 300 -19.56 -12.33 32.02
C VAL C 300 -18.38 -11.39 31.65
N GLU C 301 -18.19 -10.34 32.43
CA GLU C 301 -17.10 -9.42 32.17
C GLU C 301 -15.74 -10.10 32.29
N HIS C 302 -15.63 -11.04 33.23
CA HIS C 302 -14.41 -11.82 33.33
C HIS C 302 -14.24 -12.71 32.12
N GLU C 303 -15.33 -13.35 31.72
CA GLU C 303 -15.33 -14.16 30.54
C GLU C 303 -15.02 -13.42 29.25
N ARG C 304 -15.47 -12.19 29.16
CA ARG C 304 -15.07 -11.31 28.07
C ARG C 304 -13.56 -10.89 28.08
N LEU C 305 -13.04 -10.53 29.26
CA LEU C 305 -11.58 -10.20 29.33
C LEU C 305 -10.79 -11.42 28.85
N PHE C 306 -11.16 -12.59 29.36
CA PHE C 306 -10.37 -13.80 29.04
C PHE C 306 -10.50 -14.24 27.58
N ASP C 307 -11.63 -13.95 26.96
CA ASP C 307 -11.78 -14.24 25.55
C ASP C 307 -10.79 -13.34 24.74
N LEU C 308 -10.71 -12.08 25.09
CA LEU C 308 -9.75 -11.18 24.42
C LEU C 308 -8.29 -11.62 24.64
N ILE C 309 -7.96 -11.93 25.88
CA ILE C 309 -6.62 -12.39 26.20
C ILE C 309 -6.27 -13.61 25.38
N GLN C 310 -7.19 -14.58 25.33
CA GLN C 310 -6.96 -15.79 24.60
C GLN C 310 -6.70 -15.50 23.13
N LYS C 311 -7.44 -14.58 22.55
CA LYS C 311 -7.18 -14.17 21.17
C LYS C 311 -5.82 -13.44 21.00
N MET C 312 -5.40 -12.69 22.01
CA MET C 312 -4.07 -12.04 21.97
C MET C 312 -2.94 -13.06 22.06
N LEU C 313 -3.21 -14.17 22.75
CA LEU C 313 -2.22 -15.20 22.93
C LEU C 313 -2.37 -16.37 21.95
N GLU C 314 -3.00 -16.11 20.81
CA GLU C 314 -2.95 -17.01 19.67
C GLU C 314 -1.47 -17.20 19.27
N TYR C 315 -1.06 -18.44 19.16
CA TYR C 315 0.31 -18.75 18.84
C TYR C 315 0.75 -18.23 17.47
N ASP C 316 -0.10 -18.45 16.46
CA ASP C 316 0.24 -18.12 15.08
C ASP C 316 0.04 -16.62 14.90
N PRO C 317 1.14 -15.86 14.74
CA PRO C 317 0.94 -14.42 14.61
C PRO C 317 0.03 -13.99 13.42
N ALA C 318 -0.05 -14.81 12.37
CA ALA C 318 -0.93 -14.46 11.23
C ALA C 318 -2.42 -14.55 11.61
N LYS C 319 -2.75 -15.33 12.64
CA LYS C 319 -4.13 -15.50 13.09
C LYS C 319 -4.46 -14.69 14.32
N ARG C 320 -3.43 -14.11 14.96
CA ARG C 320 -3.61 -13.37 16.19
C ARG C 320 -4.46 -12.14 15.94
N ILE C 321 -5.32 -11.82 16.88
CA ILE C 321 -6.16 -10.63 16.77
C ILE C 321 -5.22 -9.40 16.61
N THR C 322 -5.63 -8.48 15.76
CA THR C 322 -4.99 -7.17 15.62
C THR C 322 -5.58 -6.26 16.68
N LEU C 323 -4.87 -5.17 16.94
CA LEU C 323 -5.35 -4.22 17.92
C LEU C 323 -6.59 -3.48 17.44
N ARG C 324 -6.64 -3.22 16.16
CA ARG C 324 -7.82 -2.66 15.54
C ARG C 324 -9.08 -3.46 15.87
N GLU C 325 -9.00 -4.79 15.77
CA GLU C 325 -10.13 -5.70 16.09
C GLU C 325 -10.29 -5.75 17.61
N ALA C 326 -9.17 -5.70 18.36
CA ALA C 326 -9.23 -5.80 19.82
C ALA C 326 -10.04 -4.66 20.37
N LEU C 327 -9.93 -3.51 19.73
CA LEU C 327 -10.64 -2.31 20.19
C LEU C 327 -12.18 -2.45 20.07
N LYS C 328 -12.63 -3.36 19.22
CA LYS C 328 -14.09 -3.64 19.04
C LYS C 328 -14.60 -4.80 19.90
N HIS C 329 -13.72 -5.38 20.71
CA HIS C 329 -14.06 -6.56 21.45
C HIS C 329 -15.13 -6.23 22.52
N PRO C 330 -16.06 -7.16 22.80
CA PRO C 330 -17.14 -6.84 23.77
C PRO C 330 -16.68 -6.41 25.18
N PHE C 331 -15.52 -6.89 25.59
CA PHE C 331 -14.90 -6.42 26.83
C PHE C 331 -14.85 -4.89 26.97
N PHE C 332 -14.75 -4.19 25.85
CA PHE C 332 -14.81 -2.73 25.87
C PHE C 332 -16.18 -2.05 25.73
N ASP C 333 -17.25 -2.85 25.49
CA ASP C 333 -18.63 -2.28 25.33
C ASP C 333 -19.00 -1.35 26.47
N LEU C 334 -18.67 -1.71 27.70
CA LEU C 334 -18.97 -0.84 28.86
C LEU C 334 -18.32 0.56 28.78
N LEU C 335 -17.26 0.73 28.00
CA LEU C 335 -16.68 2.08 27.80
C LEU C 335 -17.38 2.94 26.75
N LYS C 336 -18.36 2.38 26.04
CA LYS C 336 -18.97 3.08 24.92
C LYS C 336 -20.40 3.55 25.26
N LYS C 337 -20.79 4.70 24.70
CA LYS C 337 -22.04 5.40 25.09
C LYS C 337 -23.32 4.68 24.64
O5' 5ID D . -10.00 13.39 -5.38
O5' 5ID D . -10.01 13.35 -5.31
C5' 5ID D . -10.22 14.55 -6.08
C5' 5ID D . -10.19 14.54 -6.03
C4' 5ID D . -10.09 14.32 -7.56
C4' 5ID D . -10.07 14.31 -7.51
O4' 5ID D . -8.81 13.73 -7.85
O4' 5ID D . -8.79 13.73 -7.81
C1' 5ID D . -8.92 12.84 -8.94
C1' 5ID D . -8.92 12.80 -8.88
N9 5ID D . -8.52 11.52 -8.48
N9 5ID D . -8.52 11.49 -8.39
C8 5ID D . -8.66 11.08 -7.21
C8 5ID D . -8.67 11.03 -7.11
C7 5ID D . -8.16 9.83 -7.11
C7 5ID D . -8.20 9.75 -7.01
C5 5ID D . -7.71 9.43 -8.38
C5 5ID D . -7.72 9.38 -8.29
C6 5ID D . -7.11 8.29 -8.97
C6 5ID D . -7.11 8.25 -8.88
N1 5ID D . -6.77 8.35 -10.27
N1 5ID D . -6.78 8.31 -10.19
C2 5ID D . -7.04 9.46 -10.93
C2 5ID D . -7.04 9.42 -10.86
N3 5ID D . -7.62 10.57 -10.51
N3 5ID D . -7.61 10.54 -10.43
C4 5ID D . -7.93 10.52 -9.22
C4 5ID D . -7.93 10.49 -9.13
N6 5ID D . -6.89 7.18 -8.30
N6 5ID D . -6.87 7.12 -8.21
C2' 5ID D . -10.37 12.92 -9.42
C2' 5ID D . -10.37 12.88 -9.36
O2' 5ID D . -10.51 13.91 -10.42
O2' 5ID D . -10.49 13.85 -10.40
C3' 5ID D . -11.08 13.34 -8.15
C3' 5ID D . -11.08 13.34 -8.10
O3' 5ID D . -12.32 13.97 -8.32
O3' 5ID D . -12.32 13.99 -8.35
IAE 5ID D . -7.95 8.69 -5.38
I IOD E . -9.71 10.84 -3.30
P PO4 F . -23.52 14.49 18.06
O1 PO4 F . -24.24 13.79 16.93
O2 PO4 F . -23.92 15.95 18.18
O3 PO4 F . -22.04 14.45 17.76
O4 PO4 F . -23.85 13.74 19.33
O5' 5ID G . 24.54 -1.88 -24.00
O5' 5ID G . 24.53 -1.90 -24.01
C5' 5ID G . 24.36 -0.70 -23.24
C5' 5ID G . 24.38 -0.74 -23.23
C4' 5ID G . 23.52 0.34 -23.93
C4' 5ID G . 23.54 0.31 -23.92
O4' 5ID G . 24.30 1.03 -24.92
O4' 5ID G . 24.33 0.99 -24.92
C1' 5ID G . 23.50 1.37 -26.03
C1' 5ID G . 23.54 1.31 -26.04
N9 5ID G . 24.05 0.68 -27.18
N9 5ID G . 24.08 0.62 -27.20
C8 5ID G . 24.64 -0.55 -27.17
C8 5ID G . 24.68 -0.62 -27.19
C7 5ID G . 25.06 -0.89 -28.42
C7 5ID G . 25.07 -0.97 -28.46
C5 5ID G . 24.67 0.18 -29.28
C5 5ID G . 24.70 0.12 -29.30
C6 5ID G . 24.77 0.47 -30.66
C6 5ID G . 24.78 0.41 -30.69
N1 5ID G . 24.28 1.63 -31.10
N1 5ID G . 24.30 1.59 -31.12
C2 5ID G . 23.74 2.46 -30.22
C2 5ID G . 23.76 2.42 -30.23
N3 5ID G . 23.58 2.30 -28.91
N3 5ID G . 23.61 2.25 -28.91
C4 5ID G . 24.07 1.14 -28.48
C4 5ID G . 24.10 1.08 -28.48
N6 5ID G . 25.26 -0.39 -31.54
N6 5ID G . 25.31 -0.43 -31.57
C2' 5ID G . 22.08 0.97 -25.67
C2' 5ID G . 22.10 0.92 -25.69
O2' 5ID G . 21.38 2.02 -25.03
O2' 5ID G . 21.41 1.99 -25.08
C3' 5ID G . 22.33 -0.18 -24.70
C3' 5ID G . 22.34 -0.21 -24.68
O3' 5ID G . 21.23 -0.42 -23.84
O3' 5ID G . 21.23 -0.40 -23.83
IAE 5ID G . 26.12 -2.61 -28.91
I IOD H . 26.18 -4.16 -25.90
O5' 5ID I . 12.06 3.75 32.17
O5' 5ID I . 12.05 3.76 32.11
C5' 5ID I . 12.38 3.21 33.42
C5' 5ID I . 12.39 3.22 33.38
C4' 5ID I . 11.40 3.63 34.48
C4' 5ID I . 11.41 3.64 34.43
O4' 5ID I . 11.51 5.04 34.73
O4' 5ID I . 11.52 5.06 34.66
C1' 5ID I . 10.24 5.58 35.04
C1' 5ID I . 10.25 5.60 34.95
N9 5ID I . 9.92 6.58 34.04
N9 5ID I . 9.92 6.61 33.94
C8 5ID I . 10.26 6.54 32.73
C8 5ID I . 10.28 6.57 32.62
C7 5ID I . 9.78 7.61 32.08
C7 5ID I . 9.76 7.65 31.96
C5 5ID I . 9.04 8.38 33.01
C5 5ID I . 9.04 8.41 32.92
C6 5ID I . 8.27 9.56 33.01
C6 5ID I . 8.27 9.61 32.93
N1 5ID I . 7.70 9.95 34.16
N1 5ID I . 7.71 9.99 34.09
C2 5ID I . 7.91 9.22 35.25
C2 5ID I . 7.91 9.25 35.18
N3 5ID I . 8.62 8.11 35.38
N3 5ID I . 8.63 8.13 35.30
C4 5ID I . 9.17 7.72 34.23
C4 5ID I . 9.17 7.74 34.14
N6 5ID I . 8.09 10.31 31.93
N6 5ID I . 8.07 10.35 31.85
C2' 5ID I . 9.25 4.40 35.06
C2' 5ID I . 9.25 4.42 34.99
O2' 5ID I . 9.12 3.85 36.34
O2' 5ID I . 9.12 3.91 36.31
C3' 5ID I . 9.93 3.42 34.12
C3' 5ID I . 9.95 3.41 34.09
O3' 5ID I . 9.51 2.10 34.35
O3' 5ID I . 9.54 2.09 34.37
IAE 5ID I . 10.18 8.06 30.09
I IOD J . 11.97 5.36 29.12
#